data_259D
# 
_entry.id   259D 
# 
_audit_conform.dict_name       mmcif_pdbx.dic 
_audit_conform.dict_version    5.387 
_audit_conform.dict_location   http://mmcif.pdb.org/dictionaries/ascii/mmcif_pdbx.dic 
# 
loop_
_database_2.database_id 
_database_2.database_code 
_database_2.pdbx_database_accession 
_database_2.pdbx_DOI 
PDB   259D         pdb_0000259d 10.2210/pdb259d/pdb 
RCSB  ARH074       ?            ?                   
WWPDB D_1000177670 ?            ?                   
# 
loop_
_pdbx_audit_revision_history.ordinal 
_pdbx_audit_revision_history.data_content_type 
_pdbx_audit_revision_history.major_revision 
_pdbx_audit_revision_history.minor_revision 
_pdbx_audit_revision_history.revision_date 
1 'Structure model' 1 0 1996-08-26 
2 'Structure model' 1 1 2008-05-22 
3 'Structure model' 1 2 2011-07-13 
4 'Structure model' 1 3 2024-02-14 
# 
_pdbx_audit_revision_details.ordinal             1 
_pdbx_audit_revision_details.revision_ordinal    1 
_pdbx_audit_revision_details.data_content_type   'Structure model' 
_pdbx_audit_revision_details.provider            repository 
_pdbx_audit_revision_details.type                'Initial release' 
_pdbx_audit_revision_details.description         ? 
_pdbx_audit_revision_details.details             ? 
# 
loop_
_pdbx_audit_revision_group.ordinal 
_pdbx_audit_revision_group.revision_ordinal 
_pdbx_audit_revision_group.data_content_type 
_pdbx_audit_revision_group.group 
1 2 'Structure model' 'Version format compliance' 
2 3 'Structure model' 'Version format compliance' 
3 4 'Structure model' 'Data collection'           
4 4 'Structure model' 'Database references'       
# 
loop_
_pdbx_audit_revision_category.ordinal 
_pdbx_audit_revision_category.revision_ordinal 
_pdbx_audit_revision_category.data_content_type 
_pdbx_audit_revision_category.category 
1 4 'Structure model' chem_comp_atom 
2 4 'Structure model' chem_comp_bond 
3 4 'Structure model' database_2     
4 4 'Structure model' diffrn_source  
# 
loop_
_pdbx_audit_revision_item.ordinal 
_pdbx_audit_revision_item.revision_ordinal 
_pdbx_audit_revision_item.data_content_type 
_pdbx_audit_revision_item.item 
1 4 'Structure model' '_database_2.pdbx_DOI'                 
2 4 'Structure model' '_database_2.pdbx_database_accession'  
3 4 'Structure model' '_diffrn_source.pdbx_synchrotron_site' 
# 
_pdbx_database_status.status_code                     REL 
_pdbx_database_status.entry_id                        259D 
_pdbx_database_status.recvd_initial_deposition_date   1996-05-03 
_pdbx_database_status.deposit_site                    NDB 
_pdbx_database_status.process_site                    NDB 
_pdbx_database_status.SG_entry                        . 
_pdbx_database_status.pdb_format_compatible           Y 
_pdbx_database_status.status_code_mr                  ? 
_pdbx_database_status.status_code_sf                  ? 
_pdbx_database_status.status_code_cs                  ? 
_pdbx_database_status.status_code_nmr_data            ? 
_pdbx_database_status.methods_development_category    ? 
# 
loop_
_audit_author.name 
_audit_author.pdbx_ordinal 
'Egli, M.'     1 
'Portmann, S.' 2 
'Usman, N.'    3 
# 
loop_
_citation.id 
_citation.title 
_citation.journal_abbrev 
_citation.journal_volume 
_citation.page_first 
_citation.page_last 
_citation.year 
_citation.journal_id_ASTM 
_citation.country 
_citation.journal_id_ISSN 
_citation.journal_id_CSD 
_citation.book_publisher 
_citation.pdbx_database_id_PubMed 
_citation.pdbx_database_id_DOI 
primary 'RNA hydration: a detailed look.'                           Biochemistry 35 8489 8494 1996 BICHAW US 0006-2960 0033 ? 
8679609 10.1021/bi9607214 
1       'Crystal Structure of r(CCCCGGGG) in Two Distinct Lattices' Biochemistry 34 7569 7575 1995 BICHAW US 0006-2960 0033 ? ? ? 
# 
loop_
_citation_author.citation_id 
_citation_author.name 
_citation_author.ordinal 
_citation_author.identifier_ORCID 
primary 'Egli, M.'     1 ? 
primary 'Portmann, S.' 2 ? 
primary 'Usman, N.'    3 ? 
1       'Portmann, S.' 4 ? 
1       'Usman, N.'    5 ? 
1       'Egli, M.'     6 ? 
# 
loop_
_entity.id 
_entity.type 
_entity.src_method 
_entity.pdbx_description 
_entity.formula_weight 
_entity.pdbx_number_of_molecules 
_entity.pdbx_ec 
_entity.pdbx_mutation 
_entity.pdbx_fragment 
_entity.details 
1 polymer syn 
;RNA (5'-R(*CP*CP*CP*CP*GP*GP*GP*G)-3')
;
2556.593 2   ? ? ? ? 
2 water   nat water                                    18.015   113 ? ? ? ? 
# 
_entity_poly.entity_id                      1 
_entity_poly.type                           polyribonucleotide 
_entity_poly.nstd_linkage                   no 
_entity_poly.nstd_monomer                   no 
_entity_poly.pdbx_seq_one_letter_code       CCCCGGGG 
_entity_poly.pdbx_seq_one_letter_code_can   CCCCGGGG 
_entity_poly.pdbx_strand_id                 A,B 
_entity_poly.pdbx_target_identifier         ? 
# 
_pdbx_entity_nonpoly.entity_id   2 
_pdbx_entity_nonpoly.name        water 
_pdbx_entity_nonpoly.comp_id     HOH 
# 
loop_
_entity_poly_seq.entity_id 
_entity_poly_seq.num 
_entity_poly_seq.mon_id 
_entity_poly_seq.hetero 
1 1 C n 
1 2 C n 
1 3 C n 
1 4 C n 
1 5 G n 
1 6 G n 
1 7 G n 
1 8 G n 
# 
loop_
_chem_comp.id 
_chem_comp.type 
_chem_comp.mon_nstd_flag 
_chem_comp.name 
_chem_comp.pdbx_synonyms 
_chem_comp.formula 
_chem_comp.formula_weight 
C   'RNA linking' y "CYTIDINE-5'-MONOPHOSPHATE"  ? 'C9 H14 N3 O8 P'  323.197 
G   'RNA linking' y "GUANOSINE-5'-MONOPHOSPHATE" ? 'C10 H14 N5 O8 P' 363.221 
HOH non-polymer   . WATER                        ? 'H2 O'            18.015  
# 
loop_
_pdbx_poly_seq_scheme.asym_id 
_pdbx_poly_seq_scheme.entity_id 
_pdbx_poly_seq_scheme.seq_id 
_pdbx_poly_seq_scheme.mon_id 
_pdbx_poly_seq_scheme.ndb_seq_num 
_pdbx_poly_seq_scheme.pdb_seq_num 
_pdbx_poly_seq_scheme.auth_seq_num 
_pdbx_poly_seq_scheme.pdb_mon_id 
_pdbx_poly_seq_scheme.auth_mon_id 
_pdbx_poly_seq_scheme.pdb_strand_id 
_pdbx_poly_seq_scheme.pdb_ins_code 
_pdbx_poly_seq_scheme.hetero 
A 1 1 C 1 1  1  C C A . n 
A 1 2 C 2 2  2  C C A . n 
A 1 3 C 3 3  3  C C A . n 
A 1 4 C 4 4  4  C C A . n 
A 1 5 G 5 5  5  G G A . n 
A 1 6 G 6 6  6  G G A . n 
A 1 7 G 7 7  7  G G A . n 
A 1 8 G 8 8  8  G G A . n 
B 1 1 C 1 9  9  C C B . n 
B 1 2 C 2 10 10 C C B . n 
B 1 3 C 3 11 11 C C B . n 
B 1 4 C 4 12 12 C C B . n 
B 1 5 G 5 13 13 G G B . n 
B 1 6 G 6 14 14 G G B . n 
B 1 7 G 7 15 15 G G B . n 
B 1 8 G 8 16 16 G G B . n 
# 
loop_
_pdbx_nonpoly_scheme.asym_id 
_pdbx_nonpoly_scheme.entity_id 
_pdbx_nonpoly_scheme.mon_id 
_pdbx_nonpoly_scheme.ndb_seq_num 
_pdbx_nonpoly_scheme.pdb_seq_num 
_pdbx_nonpoly_scheme.auth_seq_num 
_pdbx_nonpoly_scheme.pdb_mon_id 
_pdbx_nonpoly_scheme.auth_mon_id 
_pdbx_nonpoly_scheme.pdb_strand_id 
_pdbx_nonpoly_scheme.pdb_ins_code 
C 2 HOH 1  27  27  HOH HOH A . 
C 2 HOH 2  28  28  HOH HOH A . 
C 2 HOH 3  29  29  HOH HOH A . 
C 2 HOH 4  31  31  HOH HOH A . 
C 2 HOH 5  32  32  HOH HOH A . 
C 2 HOH 6  33  33  HOH HOH A . 
C 2 HOH 7  34  34  HOH HOH A . 
C 2 HOH 8  35  35  HOH HOH A . 
C 2 HOH 9  37  37  HOH HOH A . 
C 2 HOH 10 41  41  HOH HOH A . 
C 2 HOH 11 42  42  HOH HOH A . 
C 2 HOH 12 44  44  HOH HOH A . 
C 2 HOH 13 47  47  HOH HOH A . 
C 2 HOH 14 55  55  HOH HOH A . 
C 2 HOH 15 56  56  HOH HOH A . 
C 2 HOH 16 57  57  HOH HOH A . 
C 2 HOH 17 58  58  HOH HOH A . 
C 2 HOH 18 59  59  HOH HOH A . 
C 2 HOH 19 60  60  HOH HOH A . 
C 2 HOH 20 61  61  HOH HOH A . 
C 2 HOH 21 65  65  HOH HOH A . 
C 2 HOH 22 66  66  HOH HOH A . 
C 2 HOH 23 67  67  HOH HOH A . 
C 2 HOH 24 68  68  HOH HOH A . 
C 2 HOH 25 69  69  HOH HOH A . 
C 2 HOH 26 70  70  HOH HOH A . 
C 2 HOH 27 74  74  HOH HOH A . 
C 2 HOH 28 75  75  HOH HOH A . 
C 2 HOH 29 76  76  HOH HOH A . 
C 2 HOH 30 77  77  HOH HOH A . 
C 2 HOH 31 78  78  HOH HOH A . 
C 2 HOH 32 88  88  HOH HOH A . 
C 2 HOH 33 90  90  HOH HOH A . 
C 2 HOH 34 91  91  HOH HOH A . 
C 2 HOH 35 93  93  HOH HOH A . 
C 2 HOH 36 94  94  HOH HOH A . 
C 2 HOH 37 95  95  HOH HOH A . 
C 2 HOH 38 96  96  HOH HOH A . 
C 2 HOH 39 98  98  HOH HOH A . 
C 2 HOH 40 101 101 HOH HOH A . 
C 2 HOH 41 102 102 HOH HOH A . 
C 2 HOH 42 104 104 HOH HOH A . 
C 2 HOH 43 106 106 HOH HOH A . 
C 2 HOH 44 108 108 HOH HOH A . 
C 2 HOH 45 112 112 HOH HOH A . 
C 2 HOH 46 114 114 HOH HOH A . 
C 2 HOH 47 117 117 HOH HOH A . 
C 2 HOH 48 118 118 HOH HOH A . 
C 2 HOH 49 120 120 HOH HOH A . 
C 2 HOH 50 121 121 HOH HOH A . 
C 2 HOH 51 123 123 HOH HOH A . 
C 2 HOH 52 124 124 HOH HOH A . 
C 2 HOH 53 126 126 HOH HOH A . 
C 2 HOH 54 127 127 HOH HOH A . 
C 2 HOH 55 128 128 HOH HOH A . 
D 2 HOH 1  17  17  HOH HOH B . 
D 2 HOH 2  18  18  HOH HOH B . 
D 2 HOH 3  19  19  HOH HOH B . 
D 2 HOH 4  20  20  HOH HOH B . 
D 2 HOH 5  21  21  HOH HOH B . 
D 2 HOH 6  22  22  HOH HOH B . 
D 2 HOH 7  23  23  HOH HOH B . 
D 2 HOH 8  24  24  HOH HOH B . 
D 2 HOH 9  25  25  HOH HOH B . 
D 2 HOH 10 26  26  HOH HOH B . 
D 2 HOH 11 30  30  HOH HOH B . 
D 2 HOH 12 36  36  HOH HOH B . 
D 2 HOH 13 38  38  HOH HOH B . 
D 2 HOH 14 39  39  HOH HOH B . 
D 2 HOH 15 40  40  HOH HOH B . 
D 2 HOH 16 43  43  HOH HOH B . 
D 2 HOH 17 45  45  HOH HOH B . 
D 2 HOH 18 46  46  HOH HOH B . 
D 2 HOH 19 48  48  HOH HOH B . 
D 2 HOH 20 49  49  HOH HOH B . 
D 2 HOH 21 50  50  HOH HOH B . 
D 2 HOH 22 51  51  HOH HOH B . 
D 2 HOH 23 52  52  HOH HOH B . 
D 2 HOH 24 53  53  HOH HOH B . 
D 2 HOH 25 54  54  HOH HOH B . 
D 2 HOH 26 62  62  HOH HOH B . 
D 2 HOH 27 63  63  HOH HOH B . 
D 2 HOH 28 64  64  HOH HOH B . 
D 2 HOH 29 71  71  HOH HOH B . 
D 2 HOH 30 72  72  HOH HOH B . 
D 2 HOH 31 73  73  HOH HOH B . 
D 2 HOH 32 79  79  HOH HOH B . 
D 2 HOH 33 80  80  HOH HOH B . 
D 2 HOH 34 81  81  HOH HOH B . 
D 2 HOH 35 82  82  HOH HOH B . 
D 2 HOH 36 83  83  HOH HOH B . 
D 2 HOH 37 84  84  HOH HOH B . 
D 2 HOH 38 85  85  HOH HOH B . 
D 2 HOH 39 86  86  HOH HOH B . 
D 2 HOH 40 87  87  HOH HOH B . 
D 2 HOH 41 89  89  HOH HOH B . 
D 2 HOH 42 92  92  HOH HOH B . 
D 2 HOH 43 97  97  HOH HOH B . 
D 2 HOH 44 99  99  HOH HOH B . 
D 2 HOH 45 100 100 HOH HOH B . 
D 2 HOH 46 103 103 HOH HOH B . 
D 2 HOH 47 105 105 HOH HOH B . 
D 2 HOH 48 107 107 HOH HOH B . 
D 2 HOH 49 109 109 HOH HOH B . 
D 2 HOH 50 110 110 HOH HOH B . 
D 2 HOH 51 111 111 HOH HOH B . 
D 2 HOH 52 113 113 HOH HOH B . 
D 2 HOH 53 115 115 HOH HOH B . 
D 2 HOH 54 116 116 HOH HOH B . 
D 2 HOH 55 119 119 HOH HOH B . 
D 2 HOH 56 122 122 HOH HOH B . 
D 2 HOH 57 125 125 HOH HOH B . 
D 2 HOH 58 129 129 HOH HOH B . 
# 
loop_
_software.name 
_software.classification 
_software.version 
_software.citation_id 
_software.pdbx_ordinal 
X-PLOR    refinement       . ? 1 
DENZO     'data reduction' . ? 2 
SCALEPACK 'data scaling'   . ? 3 
# 
_cell.entry_id           259D 
_cell.length_a           42.260 
_cell.length_b           42.260 
_cell.length_c           130.890 
_cell.angle_alpha        90.00 
_cell.angle_beta         90.00 
_cell.angle_gamma        120.00 
_cell.Z_PDB              36 
_cell.pdbx_unique_axis   ? 
# 
_symmetry.entry_id                         259D 
_symmetry.space_group_name_H-M             'H 3 2' 
_symmetry.pdbx_full_space_group_name_H-M   ? 
_symmetry.cell_setting                     ? 
_symmetry.Int_Tables_number                155 
# 
_exptl.entry_id          259D 
_exptl.method            'X-RAY DIFFRACTION' 
_exptl.crystals_number   ? 
# 
_exptl_crystal.id                    1 
_exptl_crystal.density_meas          ? 
_exptl_crystal.density_Matthews      2.20 
_exptl_crystal.density_percent_sol   44.08 
_exptl_crystal.description           ? 
# 
_exptl_crystal_grow.crystal_id      1 
_exptl_crystal_grow.method          'VAPOR DIFFUSION, HANGING DROP' 
_exptl_crystal_grow.temp            ? 
_exptl_crystal_grow.temp_details    'ROOM TEMPERATURE' 
_exptl_crystal_grow.pH              4.60 
_exptl_crystal_grow.pdbx_details    'pH 4.60, VAPOR DIFFUSION, HANGING DROP' 
_exptl_crystal_grow.pdbx_pH_range   ? 
# 
loop_
_exptl_crystal_grow_comp.crystal_id 
_exptl_crystal_grow_comp.id 
_exptl_crystal_grow_comp.sol_id 
_exptl_crystal_grow_comp.name 
_exptl_crystal_grow_comp.volume 
_exptl_crystal_grow_comp.conc 
_exptl_crystal_grow_comp.details 
1 1 1 WATER         ? ? ? 
1 2 1 'NA ACETATE'  ? ? ? 
1 3 1 'NH4 SULFATE' ? ? ? 
1 4 2 WATER         ? ? ? 
1 5 2 'NA ACETATE'  ? ? ? 
1 6 2 'NH4 SULFATE' ? ? ? 
# 
_diffrn.id                     1 
_diffrn.ambient_temp           ? 
_diffrn.ambient_temp_details   'ROOM TEMPERATURE' 
_diffrn.crystal_id             1 
# 
_diffrn_detector.diffrn_id              1 
_diffrn_detector.detector               'IMAGE PLATE' 
_diffrn_detector.type                   MARRESEARCH 
_diffrn_detector.pdbx_collection_date   1995-08-23 
_diffrn_detector.details                ? 
# 
_diffrn_radiation.diffrn_id                        1 
_diffrn_radiation.wavelength_id                    1 
_diffrn_radiation.pdbx_monochromatic_or_laue_m_l   M 
_diffrn_radiation.monochromator                    ? 
_diffrn_radiation.pdbx_diffrn_protocol             ? 
_diffrn_radiation.pdbx_scattering_type             x-ray 
# 
_diffrn_radiation_wavelength.id           1 
_diffrn_radiation_wavelength.wavelength   . 
_diffrn_radiation_wavelength.wt           1.0 
# 
_diffrn_source.diffrn_id                   1 
_diffrn_source.source                      SYNCHROTRON 
_diffrn_source.type                        'EMBL/DESY, HAMBURG BEAMLINE X31' 
_diffrn_source.pdbx_synchrotron_site       'EMBL/DESY, HAMBURG' 
_diffrn_source.pdbx_synchrotron_beamline   X31 
_diffrn_source.pdbx_wavelength             ? 
_diffrn_source.pdbx_wavelength_list        ? 
# 
_reflns.entry_id                     259D 
_reflns.observed_criterion_sigma_I   ? 
_reflns.observed_criterion_sigma_F   2.000 
_reflns.d_resolution_low             ? 
_reflns.d_resolution_high            1.460 
_reflns.number_obs                   8040 
_reflns.number_all                   ? 
_reflns.percent_possible_obs         99.600 
_reflns.pdbx_Rmerge_I_obs            0.0510000 
_reflns.pdbx_Rsym_value              ? 
_reflns.pdbx_netI_over_sigmaI        ? 
_reflns.B_iso_Wilson_estimate        ? 
_reflns.pdbx_redundancy              ? 
_reflns.pdbx_diffrn_id               1 
_reflns.pdbx_ordinal                 1 
# 
_refine.entry_id                                 259D 
_refine.ls_number_reflns_obs                     7858 
_refine.ls_number_reflns_all                     ? 
_refine.pdbx_ls_sigma_I                          ? 
_refine.pdbx_ls_sigma_F                          2.000 
_refine.pdbx_data_cutoff_high_absF               ? 
_refine.pdbx_data_cutoff_low_absF                ? 
_refine.pdbx_data_cutoff_high_rms_absF           ? 
_refine.ls_d_res_low                             10.000 
_refine.ls_d_res_high                            1.460 
_refine.ls_percent_reflns_obs                    99.600 
_refine.ls_R_factor_obs                          0.2010000 
_refine.ls_R_factor_all                          ? 
_refine.ls_R_factor_R_work                       0.2010000 
_refine.ls_R_factor_R_free                       0.2630000 
_refine.ls_R_factor_R_free_error                 ? 
_refine.ls_R_factor_R_free_error_details         ? 
_refine.ls_percent_reflns_R_free                 ? 
_refine.ls_number_reflns_R_free                  ? 
_refine.ls_number_parameters                     ? 
_refine.ls_number_restraints                     ? 
_refine.occupancy_min                            ? 
_refine.occupancy_max                            ? 
_refine.B_iso_mean                               ? 
_refine.aniso_B[1][1]                            ? 
_refine.aniso_B[2][2]                            ? 
_refine.aniso_B[3][3]                            ? 
_refine.aniso_B[1][2]                            ? 
_refine.aniso_B[1][3]                            ? 
_refine.aniso_B[2][3]                            ? 
_refine.solvent_model_details                    ? 
_refine.solvent_model_param_ksol                 ? 
_refine.solvent_model_param_bsol                 ? 
_refine.pdbx_ls_cross_valid_method               ? 
_refine.details                                  ? 
_refine.pdbx_starting_model                      ? 
_refine.pdbx_method_to_determine_struct          ? 
_refine.pdbx_isotropic_thermal_model             ? 
_refine.pdbx_stereochemistry_target_values       ? 
_refine.pdbx_stereochem_target_val_spec_case     ? 
_refine.pdbx_R_Free_selection_details            ? 
_refine.pdbx_overall_ESU_R                       ? 
_refine.pdbx_overall_ESU_R_Free                  ? 
_refine.overall_SU_ML                            ? 
_refine.overall_SU_B                             ? 
_refine.pdbx_refine_id                           'X-RAY DIFFRACTION' 
_refine.pdbx_diffrn_id                           1 
_refine.pdbx_TLS_residual_ADP_flag               ? 
_refine.correlation_coeff_Fo_to_Fc               ? 
_refine.correlation_coeff_Fo_to_Fc_free          ? 
_refine.pdbx_solvent_vdw_probe_radii             ? 
_refine.pdbx_solvent_ion_probe_radii             ? 
_refine.pdbx_solvent_shrinkage_radii             ? 
_refine.pdbx_overall_phase_error                 ? 
_refine.overall_SU_R_Cruickshank_DPI             ? 
_refine.pdbx_overall_SU_R_free_Cruickshank_DPI   ? 
_refine.pdbx_overall_SU_R_Blow_DPI               ? 
_refine.pdbx_overall_SU_R_free_Blow_DPI          ? 
# 
_refine_hist.pdbx_refine_id                   'X-RAY DIFFRACTION' 
_refine_hist.cycle_id                         LAST 
_refine_hist.pdbx_number_atoms_protein        0 
_refine_hist.pdbx_number_atoms_nucleic_acid   338 
_refine_hist.pdbx_number_atoms_ligand         0 
_refine_hist.number_atoms_solvent             113 
_refine_hist.number_atoms_total               451 
_refine_hist.d_res_high                       1.460 
_refine_hist.d_res_low                        10.000 
# 
loop_
_refine_ls_restr.type 
_refine_ls_restr.dev_ideal 
_refine_ls_restr.dev_ideal_target 
_refine_ls_restr.weight 
_refine_ls_restr.number 
_refine_ls_restr.pdbx_refine_id 
_refine_ls_restr.pdbx_restraint_function 
x_bond_d                0.012 ? ? ? 'X-RAY DIFFRACTION' ? 
x_bond_d_na             ?     ? ? ? 'X-RAY DIFFRACTION' ? 
x_bond_d_prot           ?     ? ? ? 'X-RAY DIFFRACTION' ? 
x_angle_d               ?     ? ? ? 'X-RAY DIFFRACTION' ? 
x_angle_d_na            ?     ? ? ? 'X-RAY DIFFRACTION' ? 
x_angle_d_prot          ?     ? ? ? 'X-RAY DIFFRACTION' ? 
x_angle_deg             3.04  ? ? ? 'X-RAY DIFFRACTION' ? 
x_angle_deg_na          ?     ? ? ? 'X-RAY DIFFRACTION' ? 
x_angle_deg_prot        ?     ? ? ? 'X-RAY DIFFRACTION' ? 
x_dihedral_angle_d      ?     ? ? ? 'X-RAY DIFFRACTION' ? 
x_dihedral_angle_d_na   ?     ? ? ? 'X-RAY DIFFRACTION' ? 
x_dihedral_angle_d_prot ?     ? ? ? 'X-RAY DIFFRACTION' ? 
x_improper_angle_d      ?     ? ? ? 'X-RAY DIFFRACTION' ? 
x_improper_angle_d_na   ?     ? ? ? 'X-RAY DIFFRACTION' ? 
x_improper_angle_d_prot ?     ? ? ? 'X-RAY DIFFRACTION' ? 
x_mcbond_it             ?     ? ? ? 'X-RAY DIFFRACTION' ? 
x_mcangle_it            ?     ? ? ? 'X-RAY DIFFRACTION' ? 
x_scbond_it             ?     ? ? ? 'X-RAY DIFFRACTION' ? 
x_scangle_it            ?     ? ? ? 'X-RAY DIFFRACTION' ? 
# 
_refine_ls_shell.pdbx_total_number_of_bins_used   ? 
_refine_ls_shell.d_res_high                       1.46 
_refine_ls_shell.d_res_low                        1.49 
_refine_ls_shell.number_reflns_R_work             ? 
_refine_ls_shell.R_factor_R_work                  0.3690000 
_refine_ls_shell.percent_reflns_obs               97.10 
_refine_ls_shell.R_factor_R_free                  ? 
_refine_ls_shell.R_factor_R_free_error            ? 
_refine_ls_shell.percent_reflns_R_free            ? 
_refine_ls_shell.number_reflns_R_free             ? 
_refine_ls_shell.pdbx_refine_id                   'X-RAY DIFFRACTION' 
_refine_ls_shell.number_reflns_all                ? 
_refine_ls_shell.R_factor_all                     ? 
# 
_struct.entry_id                  259D 
_struct.title                     'RNA HYDRATION: A DETAILED LOOK' 
_struct.pdbx_model_details        ? 
_struct.pdbx_CASP_flag            ? 
_struct.pdbx_model_type_details   ? 
# 
_struct_keywords.entry_id        259D 
_struct_keywords.pdbx_keywords   RNA 
_struct_keywords.text            'A-RNA, DOUBLE HELIX, RNA' 
# 
loop_
_struct_asym.id 
_struct_asym.pdbx_blank_PDB_chainid_flag 
_struct_asym.pdbx_modified 
_struct_asym.entity_id 
_struct_asym.details 
A N N 1 ? 
B N N 1 ? 
C N N 2 ? 
D N N 2 ? 
# 
_struct_ref.id                         1 
_struct_ref.entity_id                  1 
_struct_ref.db_name                    PDB 
_struct_ref.db_code                    259D 
_struct_ref.pdbx_db_accession          259D 
_struct_ref.pdbx_db_isoform            ? 
_struct_ref.pdbx_seq_one_letter_code   ? 
_struct_ref.pdbx_align_begin           ? 
# 
loop_
_struct_ref_seq.align_id 
_struct_ref_seq.ref_id 
_struct_ref_seq.pdbx_PDB_id_code 
_struct_ref_seq.pdbx_strand_id 
_struct_ref_seq.seq_align_beg 
_struct_ref_seq.pdbx_seq_align_beg_ins_code 
_struct_ref_seq.seq_align_end 
_struct_ref_seq.pdbx_seq_align_end_ins_code 
_struct_ref_seq.pdbx_db_accession 
_struct_ref_seq.db_align_beg 
_struct_ref_seq.pdbx_db_align_beg_ins_code 
_struct_ref_seq.db_align_end 
_struct_ref_seq.pdbx_db_align_end_ins_code 
_struct_ref_seq.pdbx_auth_seq_align_beg 
_struct_ref_seq.pdbx_auth_seq_align_end 
1 1 259D A 1 ? 8 ? 259D 1 ? 8  ? 1 8  
2 1 259D B 1 ? 8 ? 259D 9 ? 16 ? 9 16 
# 
_pdbx_struct_assembly.id                   1 
_pdbx_struct_assembly.details              author_defined_assembly 
_pdbx_struct_assembly.method_details       ? 
_pdbx_struct_assembly.oligomeric_details   dimeric 
_pdbx_struct_assembly.oligomeric_count     2 
# 
_pdbx_struct_assembly_gen.assembly_id       1 
_pdbx_struct_assembly_gen.oper_expression   1 
_pdbx_struct_assembly_gen.asym_id_list      A,B,C,D 
# 
_pdbx_struct_oper_list.id                   1 
_pdbx_struct_oper_list.type                 'identity operation' 
_pdbx_struct_oper_list.name                 1_555 
_pdbx_struct_oper_list.symmetry_operation   x,y,z 
_pdbx_struct_oper_list.matrix[1][1]         1.0000000000 
_pdbx_struct_oper_list.matrix[1][2]         0.0000000000 
_pdbx_struct_oper_list.matrix[1][3]         0.0000000000 
_pdbx_struct_oper_list.vector[1]            0.0000000000 
_pdbx_struct_oper_list.matrix[2][1]         0.0000000000 
_pdbx_struct_oper_list.matrix[2][2]         1.0000000000 
_pdbx_struct_oper_list.matrix[2][3]         0.0000000000 
_pdbx_struct_oper_list.vector[2]            0.0000000000 
_pdbx_struct_oper_list.matrix[3][1]         0.0000000000 
_pdbx_struct_oper_list.matrix[3][2]         0.0000000000 
_pdbx_struct_oper_list.matrix[3][3]         1.0000000000 
_pdbx_struct_oper_list.vector[3]            0.0000000000 
# 
_struct_biol.id   1 
# 
loop_
_struct_conn.id 
_struct_conn.conn_type_id 
_struct_conn.pdbx_leaving_atom_flag 
_struct_conn.pdbx_PDB_id 
_struct_conn.ptnr1_label_asym_id 
_struct_conn.ptnr1_label_comp_id 
_struct_conn.ptnr1_label_seq_id 
_struct_conn.ptnr1_label_atom_id 
_struct_conn.pdbx_ptnr1_label_alt_id 
_struct_conn.pdbx_ptnr1_PDB_ins_code 
_struct_conn.pdbx_ptnr1_standard_comp_id 
_struct_conn.ptnr1_symmetry 
_struct_conn.ptnr2_label_asym_id 
_struct_conn.ptnr2_label_comp_id 
_struct_conn.ptnr2_label_seq_id 
_struct_conn.ptnr2_label_atom_id 
_struct_conn.pdbx_ptnr2_label_alt_id 
_struct_conn.pdbx_ptnr2_PDB_ins_code 
_struct_conn.ptnr1_auth_asym_id 
_struct_conn.ptnr1_auth_comp_id 
_struct_conn.ptnr1_auth_seq_id 
_struct_conn.ptnr2_auth_asym_id 
_struct_conn.ptnr2_auth_comp_id 
_struct_conn.ptnr2_auth_seq_id 
_struct_conn.ptnr2_symmetry 
_struct_conn.pdbx_ptnr3_label_atom_id 
_struct_conn.pdbx_ptnr3_label_seq_id 
_struct_conn.pdbx_ptnr3_label_comp_id 
_struct_conn.pdbx_ptnr3_label_asym_id 
_struct_conn.pdbx_ptnr3_label_alt_id 
_struct_conn.pdbx_ptnr3_PDB_ins_code 
_struct_conn.details 
_struct_conn.pdbx_dist_value 
_struct_conn.pdbx_value_order 
_struct_conn.pdbx_role 
hydrog1  hydrog ? ? A C 1 N3 ? ? ? 1_555 B G 8 N1 ? ? A C 1 B G 16 1_555 ? ? ? ? ? ? WATSON-CRICK ? ? ? 
hydrog2  hydrog ? ? A C 1 N4 ? ? ? 1_555 B G 8 O6 ? ? A C 1 B G 16 1_555 ? ? ? ? ? ? WATSON-CRICK ? ? ? 
hydrog3  hydrog ? ? A C 1 O2 ? ? ? 1_555 B G 8 N2 ? ? A C 1 B G 16 1_555 ? ? ? ? ? ? WATSON-CRICK ? ? ? 
hydrog4  hydrog ? ? A C 2 N3 ? ? ? 1_555 B G 7 N1 ? ? A C 2 B G 15 1_555 ? ? ? ? ? ? WATSON-CRICK ? ? ? 
hydrog5  hydrog ? ? A C 2 N4 ? ? ? 1_555 B G 7 O6 ? ? A C 2 B G 15 1_555 ? ? ? ? ? ? WATSON-CRICK ? ? ? 
hydrog6  hydrog ? ? A C 2 O2 ? ? ? 1_555 B G 7 N2 ? ? A C 2 B G 15 1_555 ? ? ? ? ? ? WATSON-CRICK ? ? ? 
hydrog7  hydrog ? ? A C 3 N3 ? ? ? 1_555 B G 6 N1 ? ? A C 3 B G 14 1_555 ? ? ? ? ? ? WATSON-CRICK ? ? ? 
hydrog8  hydrog ? ? A C 3 N4 ? ? ? 1_555 B G 6 O6 ? ? A C 3 B G 14 1_555 ? ? ? ? ? ? WATSON-CRICK ? ? ? 
hydrog9  hydrog ? ? A C 3 O2 ? ? ? 1_555 B G 6 N2 ? ? A C 3 B G 14 1_555 ? ? ? ? ? ? WATSON-CRICK ? ? ? 
hydrog10 hydrog ? ? A C 4 N3 ? ? ? 1_555 B G 5 N1 ? ? A C 4 B G 13 1_555 ? ? ? ? ? ? WATSON-CRICK ? ? ? 
hydrog11 hydrog ? ? A C 4 N4 ? ? ? 1_555 B G 5 O6 ? ? A C 4 B G 13 1_555 ? ? ? ? ? ? WATSON-CRICK ? ? ? 
hydrog12 hydrog ? ? A C 4 O2 ? ? ? 1_555 B G 5 N2 ? ? A C 4 B G 13 1_555 ? ? ? ? ? ? WATSON-CRICK ? ? ? 
hydrog13 hydrog ? ? A G 5 N1 ? ? ? 1_555 B C 4 N3 ? ? A G 5 B C 12 1_555 ? ? ? ? ? ? WATSON-CRICK ? ? ? 
hydrog14 hydrog ? ? A G 5 N2 ? ? ? 1_555 B C 4 O2 ? ? A G 5 B C 12 1_555 ? ? ? ? ? ? WATSON-CRICK ? ? ? 
hydrog15 hydrog ? ? A G 5 O6 ? ? ? 1_555 B C 4 N4 ? ? A G 5 B C 12 1_555 ? ? ? ? ? ? WATSON-CRICK ? ? ? 
hydrog16 hydrog ? ? A G 6 N1 ? ? ? 1_555 B C 3 N3 ? ? A G 6 B C 11 1_555 ? ? ? ? ? ? WATSON-CRICK ? ? ? 
hydrog17 hydrog ? ? A G 6 N2 ? ? ? 1_555 B C 3 O2 ? ? A G 6 B C 11 1_555 ? ? ? ? ? ? WATSON-CRICK ? ? ? 
hydrog18 hydrog ? ? A G 6 O6 ? ? ? 1_555 B C 3 N4 ? ? A G 6 B C 11 1_555 ? ? ? ? ? ? WATSON-CRICK ? ? ? 
hydrog19 hydrog ? ? A G 7 N1 ? ? ? 1_555 B C 2 N3 ? ? A G 7 B C 10 1_555 ? ? ? ? ? ? WATSON-CRICK ? ? ? 
hydrog20 hydrog ? ? A G 7 N2 ? ? ? 1_555 B C 2 O2 ? ? A G 7 B C 10 1_555 ? ? ? ? ? ? WATSON-CRICK ? ? ? 
hydrog21 hydrog ? ? A G 7 O6 ? ? ? 1_555 B C 2 N4 ? ? A G 7 B C 10 1_555 ? ? ? ? ? ? WATSON-CRICK ? ? ? 
hydrog22 hydrog ? ? A G 8 N1 ? ? ? 1_555 B C 1 N3 ? ? A G 8 B C 9  1_555 ? ? ? ? ? ? WATSON-CRICK ? ? ? 
hydrog23 hydrog ? ? A G 8 N2 ? ? ? 1_555 B C 1 O2 ? ? A G 8 B C 9  1_555 ? ? ? ? ? ? WATSON-CRICK ? ? ? 
hydrog24 hydrog ? ? A G 8 O6 ? ? ? 1_555 B C 1 N4 ? ? A G 8 B C 9  1_555 ? ? ? ? ? ? WATSON-CRICK ? ? ? 
# 
_struct_conn_type.id          hydrog 
_struct_conn_type.criteria    ? 
_struct_conn_type.reference   ? 
# 
loop_
_pdbx_validate_rmsd_bond.id 
_pdbx_validate_rmsd_bond.PDB_model_num 
_pdbx_validate_rmsd_bond.auth_atom_id_1 
_pdbx_validate_rmsd_bond.auth_asym_id_1 
_pdbx_validate_rmsd_bond.auth_comp_id_1 
_pdbx_validate_rmsd_bond.auth_seq_id_1 
_pdbx_validate_rmsd_bond.PDB_ins_code_1 
_pdbx_validate_rmsd_bond.label_alt_id_1 
_pdbx_validate_rmsd_bond.auth_atom_id_2 
_pdbx_validate_rmsd_bond.auth_asym_id_2 
_pdbx_validate_rmsd_bond.auth_comp_id_2 
_pdbx_validate_rmsd_bond.auth_seq_id_2 
_pdbx_validate_rmsd_bond.PDB_ins_code_2 
_pdbx_validate_rmsd_bond.label_alt_id_2 
_pdbx_validate_rmsd_bond.bond_value 
_pdbx_validate_rmsd_bond.bond_target_value 
_pdbx_validate_rmsd_bond.bond_deviation 
_pdbx_validate_rmsd_bond.bond_standard_deviation 
_pdbx_validate_rmsd_bond.linker_flag 
1 1 N1    A C 3  ? ? C6    A C 3  ? ? 1.405 1.367 0.038  0.006 N 
2 1 "O5'" B G 13 ? ? "C5'" B G 13 ? ? 1.362 1.420 -0.058 0.009 N 
# 
loop_
_pdbx_validate_rmsd_angle.id 
_pdbx_validate_rmsd_angle.PDB_model_num 
_pdbx_validate_rmsd_angle.auth_atom_id_1 
_pdbx_validate_rmsd_angle.auth_asym_id_1 
_pdbx_validate_rmsd_angle.auth_comp_id_1 
_pdbx_validate_rmsd_angle.auth_seq_id_1 
_pdbx_validate_rmsd_angle.PDB_ins_code_1 
_pdbx_validate_rmsd_angle.label_alt_id_1 
_pdbx_validate_rmsd_angle.auth_atom_id_2 
_pdbx_validate_rmsd_angle.auth_asym_id_2 
_pdbx_validate_rmsd_angle.auth_comp_id_2 
_pdbx_validate_rmsd_angle.auth_seq_id_2 
_pdbx_validate_rmsd_angle.PDB_ins_code_2 
_pdbx_validate_rmsd_angle.label_alt_id_2 
_pdbx_validate_rmsd_angle.auth_atom_id_3 
_pdbx_validate_rmsd_angle.auth_asym_id_3 
_pdbx_validate_rmsd_angle.auth_comp_id_3 
_pdbx_validate_rmsd_angle.auth_seq_id_3 
_pdbx_validate_rmsd_angle.PDB_ins_code_3 
_pdbx_validate_rmsd_angle.label_alt_id_3 
_pdbx_validate_rmsd_angle.angle_value 
_pdbx_validate_rmsd_angle.angle_target_value 
_pdbx_validate_rmsd_angle.angle_deviation 
_pdbx_validate_rmsd_angle.angle_standard_deviation 
_pdbx_validate_rmsd_angle.linker_flag 
1 1 N1    A C 1  ? ? C2    A C 1  ? ? O2    A C 1  ? ? 122.85 118.90 3.95   0.60 N 
2 1 N1    A C 3  ? ? C2    A C 3  ? ? O2    A C 3  ? ? 123.08 118.90 4.18   0.60 N 
3 1 "O4'" A C 4  ? ? "C1'" A C 4  ? ? N1    A C 4  ? ? 113.07 108.50 4.57   0.70 N 
4 1 N1    B C 10 ? ? C2    B C 10 ? ? O2    B C 10 ? ? 123.56 118.90 4.66   0.60 N 
5 1 "C3'" B C 12 ? ? "C2'" B C 12 ? ? "C1'" B C 12 ? ? 95.96  101.30 -5.34  0.70 N 
6 1 N1    B C 12 ? ? C2    B C 12 ? ? O2    B C 12 ? ? 122.78 118.90 3.88   0.60 N 
7 1 "C5'" B G 13 ? ? "C4'" B G 13 ? ? "C3'" B G 13 ? ? 100.45 115.20 -14.75 1.40 N 
8 1 "C5'" B G 13 ? ? "C4'" B G 13 ? ? "O4'" B G 13 ? ? 115.59 109.80 5.79   0.90 N 
# 
loop_
_pdbx_struct_special_symmetry.id 
_pdbx_struct_special_symmetry.PDB_model_num 
_pdbx_struct_special_symmetry.auth_asym_id 
_pdbx_struct_special_symmetry.auth_comp_id 
_pdbx_struct_special_symmetry.auth_seq_id 
_pdbx_struct_special_symmetry.PDB_ins_code 
_pdbx_struct_special_symmetry.label_asym_id 
_pdbx_struct_special_symmetry.label_comp_id 
_pdbx_struct_special_symmetry.label_seq_id 
1  1 A HOH 35  ? C HOH . 
2  1 A HOH 57  ? C HOH . 
3  1 A HOH 59  ? C HOH . 
4  1 A HOH 61  ? C HOH . 
5  1 A HOH 69  ? C HOH . 
6  1 A HOH 75  ? C HOH . 
7  1 A HOH 94  ? C HOH . 
8  1 A HOH 96  ? C HOH . 
9  1 B HOH 21  ? D HOH . 
10 1 B HOH 23  ? D HOH . 
11 1 B HOH 26  ? D HOH . 
12 1 B HOH 40  ? D HOH . 
13 1 B HOH 84  ? D HOH . 
14 1 B HOH 89  ? D HOH . 
15 1 B HOH 125 ? D HOH . 
# 
loop_
_refine_B_iso.class 
_refine_B_iso.details 
_refine_B_iso.treatment 
_refine_B_iso.pdbx_refine_id 
'ALL ATOMS'  TR isotropic 'X-RAY DIFFRACTION' 
'ALL WATERS' TR isotropic 'X-RAY DIFFRACTION' 
# 
loop_
_refine_occupancy.class 
_refine_occupancy.treatment 
_refine_occupancy.pdbx_refine_id 
'ALL ATOMS'  fix 'X-RAY DIFFRACTION' 
'ALL WATERS' ref 'X-RAY DIFFRACTION' 
# 
loop_
_chem_comp_atom.comp_id 
_chem_comp_atom.atom_id 
_chem_comp_atom.type_symbol 
_chem_comp_atom.pdbx_aromatic_flag 
_chem_comp_atom.pdbx_stereo_config 
_chem_comp_atom.pdbx_ordinal 
C   OP3    O N N 1  
C   P      P N N 2  
C   OP1    O N N 3  
C   OP2    O N N 4  
C   "O5'"  O N N 5  
C   "C5'"  C N N 6  
C   "C4'"  C N R 7  
C   "O4'"  O N N 8  
C   "C3'"  C N S 9  
C   "O3'"  O N N 10 
C   "C2'"  C N R 11 
C   "O2'"  O N N 12 
C   "C1'"  C N R 13 
C   N1     N N N 14 
C   C2     C N N 15 
C   O2     O N N 16 
C   N3     N N N 17 
C   C4     C N N 18 
C   N4     N N N 19 
C   C5     C N N 20 
C   C6     C N N 21 
C   HOP3   H N N 22 
C   HOP2   H N N 23 
C   "H5'"  H N N 24 
C   "H5''" H N N 25 
C   "H4'"  H N N 26 
C   "H3'"  H N N 27 
C   "HO3'" H N N 28 
C   "H2'"  H N N 29 
C   "HO2'" H N N 30 
C   "H1'"  H N N 31 
C   H41    H N N 32 
C   H42    H N N 33 
C   H5     H N N 34 
C   H6     H N N 35 
G   OP3    O N N 36 
G   P      P N N 37 
G   OP1    O N N 38 
G   OP2    O N N 39 
G   "O5'"  O N N 40 
G   "C5'"  C N N 41 
G   "C4'"  C N R 42 
G   "O4'"  O N N 43 
G   "C3'"  C N S 44 
G   "O3'"  O N N 45 
G   "C2'"  C N R 46 
G   "O2'"  O N N 47 
G   "C1'"  C N R 48 
G   N9     N Y N 49 
G   C8     C Y N 50 
G   N7     N Y N 51 
G   C5     C Y N 52 
G   C6     C N N 53 
G   O6     O N N 54 
G   N1     N N N 55 
G   C2     C N N 56 
G   N2     N N N 57 
G   N3     N N N 58 
G   C4     C Y N 59 
G   HOP3   H N N 60 
G   HOP2   H N N 61 
G   "H5'"  H N N 62 
G   "H5''" H N N 63 
G   "H4'"  H N N 64 
G   "H3'"  H N N 65 
G   "HO3'" H N N 66 
G   "H2'"  H N N 67 
G   "HO2'" H N N 68 
G   "H1'"  H N N 69 
G   H8     H N N 70 
G   H1     H N N 71 
G   H21    H N N 72 
G   H22    H N N 73 
HOH O      O N N 74 
HOH H1     H N N 75 
HOH H2     H N N 76 
# 
loop_
_chem_comp_bond.comp_id 
_chem_comp_bond.atom_id_1 
_chem_comp_bond.atom_id_2 
_chem_comp_bond.value_order 
_chem_comp_bond.pdbx_aromatic_flag 
_chem_comp_bond.pdbx_stereo_config 
_chem_comp_bond.pdbx_ordinal 
C   OP3   P      sing N N 1  
C   OP3   HOP3   sing N N 2  
C   P     OP1    doub N N 3  
C   P     OP2    sing N N 4  
C   P     "O5'"  sing N N 5  
C   OP2   HOP2   sing N N 6  
C   "O5'" "C5'"  sing N N 7  
C   "C5'" "C4'"  sing N N 8  
C   "C5'" "H5'"  sing N N 9  
C   "C5'" "H5''" sing N N 10 
C   "C4'" "O4'"  sing N N 11 
C   "C4'" "C3'"  sing N N 12 
C   "C4'" "H4'"  sing N N 13 
C   "O4'" "C1'"  sing N N 14 
C   "C3'" "O3'"  sing N N 15 
C   "C3'" "C2'"  sing N N 16 
C   "C3'" "H3'"  sing N N 17 
C   "O3'" "HO3'" sing N N 18 
C   "C2'" "O2'"  sing N N 19 
C   "C2'" "C1'"  sing N N 20 
C   "C2'" "H2'"  sing N N 21 
C   "O2'" "HO2'" sing N N 22 
C   "C1'" N1     sing N N 23 
C   "C1'" "H1'"  sing N N 24 
C   N1    C2     sing N N 25 
C   N1    C6     sing N N 26 
C   C2    O2     doub N N 27 
C   C2    N3     sing N N 28 
C   N3    C4     doub N N 29 
C   C4    N4     sing N N 30 
C   C4    C5     sing N N 31 
C   N4    H41    sing N N 32 
C   N4    H42    sing N N 33 
C   C5    C6     doub N N 34 
C   C5    H5     sing N N 35 
C   C6    H6     sing N N 36 
G   OP3   P      sing N N 37 
G   OP3   HOP3   sing N N 38 
G   P     OP1    doub N N 39 
G   P     OP2    sing N N 40 
G   P     "O5'"  sing N N 41 
G   OP2   HOP2   sing N N 42 
G   "O5'" "C5'"  sing N N 43 
G   "C5'" "C4'"  sing N N 44 
G   "C5'" "H5'"  sing N N 45 
G   "C5'" "H5''" sing N N 46 
G   "C4'" "O4'"  sing N N 47 
G   "C4'" "C3'"  sing N N 48 
G   "C4'" "H4'"  sing N N 49 
G   "O4'" "C1'"  sing N N 50 
G   "C3'" "O3'"  sing N N 51 
G   "C3'" "C2'"  sing N N 52 
G   "C3'" "H3'"  sing N N 53 
G   "O3'" "HO3'" sing N N 54 
G   "C2'" "O2'"  sing N N 55 
G   "C2'" "C1'"  sing N N 56 
G   "C2'" "H2'"  sing N N 57 
G   "O2'" "HO2'" sing N N 58 
G   "C1'" N9     sing N N 59 
G   "C1'" "H1'"  sing N N 60 
G   N9    C8     sing Y N 61 
G   N9    C4     sing Y N 62 
G   C8    N7     doub Y N 63 
G   C8    H8     sing N N 64 
G   N7    C5     sing Y N 65 
G   C5    C6     sing N N 66 
G   C5    C4     doub Y N 67 
G   C6    O6     doub N N 68 
G   C6    N1     sing N N 69 
G   N1    C2     sing N N 70 
G   N1    H1     sing N N 71 
G   C2    N2     sing N N 72 
G   C2    N3     doub N N 73 
G   N2    H21    sing N N 74 
G   N2    H22    sing N N 75 
G   N3    C4     sing N N 76 
HOH O     H1     sing N N 77 
HOH O     H2     sing N N 78 
# 
_ndb_struct_conf_na.entry_id   259D 
_ndb_struct_conf_na.feature    'a-form double helix' 
# 
loop_
_ndb_struct_na_base_pair.model_number 
_ndb_struct_na_base_pair.i_label_asym_id 
_ndb_struct_na_base_pair.i_label_comp_id 
_ndb_struct_na_base_pair.i_label_seq_id 
_ndb_struct_na_base_pair.i_symmetry 
_ndb_struct_na_base_pair.j_label_asym_id 
_ndb_struct_na_base_pair.j_label_comp_id 
_ndb_struct_na_base_pair.j_label_seq_id 
_ndb_struct_na_base_pair.j_symmetry 
_ndb_struct_na_base_pair.shear 
_ndb_struct_na_base_pair.stretch 
_ndb_struct_na_base_pair.stagger 
_ndb_struct_na_base_pair.buckle 
_ndb_struct_na_base_pair.propeller 
_ndb_struct_na_base_pair.opening 
_ndb_struct_na_base_pair.pair_number 
_ndb_struct_na_base_pair.pair_name 
_ndb_struct_na_base_pair.i_auth_asym_id 
_ndb_struct_na_base_pair.i_auth_seq_id 
_ndb_struct_na_base_pair.i_PDB_ins_code 
_ndb_struct_na_base_pair.j_auth_asym_id 
_ndb_struct_na_base_pair.j_auth_seq_id 
_ndb_struct_na_base_pair.j_PDB_ins_code 
_ndb_struct_na_base_pair.hbond_type_28 
_ndb_struct_na_base_pair.hbond_type_12 
1 A C 1 1_555 B G 8 1_555 0.262  -0.146 -0.160 9.446   -7.768  -1.704 1 A_C1:G16_B A 1 ? B 16 ? 19 1 
1 A C 2 1_555 B G 7 1_555 0.243  -0.164 -0.171 14.183  -15.384 -1.385 2 A_C2:G15_B A 2 ? B 15 ? 19 1 
1 A C 3 1_555 B G 6 1_555 0.186  -0.156 -0.216 7.655   -11.826 -2.121 3 A_C3:G14_B A 3 ? B 14 ? 19 1 
1 A C 4 1_555 B G 5 1_555 0.166  -0.216 -0.010 3.584   -11.164 -1.168 4 A_C4:G13_B A 4 ? B 13 ? 19 1 
1 A G 5 1_555 B C 4 1_555 -0.292 -0.071 -0.287 -6.490  -9.969  2.583  5 A_G5:C12_B A 5 ? B 12 ? 19 1 
1 A G 6 1_555 B C 3 1_555 -0.287 -0.137 -0.251 -9.447  -12.118 -0.582 6 A_G6:C11_B A 6 ? B 11 ? 19 1 
1 A G 7 1_555 B C 2 1_555 -0.253 -0.278 -0.243 -12.522 -10.400 -2.532 7 A_G7:C10_B A 7 ? B 10 ? 19 1 
1 A G 8 1_555 B C 1 1_555 -0.130 -0.190 -0.143 -11.227 -11.556 -0.963 8 A_G8:C9_B  A 8 ? B 9  ? 19 1 
# 
loop_
_ndb_struct_na_base_pair_step.model_number 
_ndb_struct_na_base_pair_step.i_label_asym_id_1 
_ndb_struct_na_base_pair_step.i_label_comp_id_1 
_ndb_struct_na_base_pair_step.i_label_seq_id_1 
_ndb_struct_na_base_pair_step.i_symmetry_1 
_ndb_struct_na_base_pair_step.j_label_asym_id_1 
_ndb_struct_na_base_pair_step.j_label_comp_id_1 
_ndb_struct_na_base_pair_step.j_label_seq_id_1 
_ndb_struct_na_base_pair_step.j_symmetry_1 
_ndb_struct_na_base_pair_step.i_label_asym_id_2 
_ndb_struct_na_base_pair_step.i_label_comp_id_2 
_ndb_struct_na_base_pair_step.i_label_seq_id_2 
_ndb_struct_na_base_pair_step.i_symmetry_2 
_ndb_struct_na_base_pair_step.j_label_asym_id_2 
_ndb_struct_na_base_pair_step.j_label_comp_id_2 
_ndb_struct_na_base_pair_step.j_label_seq_id_2 
_ndb_struct_na_base_pair_step.j_symmetry_2 
_ndb_struct_na_base_pair_step.shift 
_ndb_struct_na_base_pair_step.slide 
_ndb_struct_na_base_pair_step.rise 
_ndb_struct_na_base_pair_step.tilt 
_ndb_struct_na_base_pair_step.roll 
_ndb_struct_na_base_pair_step.twist 
_ndb_struct_na_base_pair_step.x_displacement 
_ndb_struct_na_base_pair_step.y_displacement 
_ndb_struct_na_base_pair_step.helical_rise 
_ndb_struct_na_base_pair_step.inclination 
_ndb_struct_na_base_pair_step.tip 
_ndb_struct_na_base_pair_step.helical_twist 
_ndb_struct_na_base_pair_step.step_number 
_ndb_struct_na_base_pair_step.step_name 
_ndb_struct_na_base_pair_step.i_auth_asym_id_1 
_ndb_struct_na_base_pair_step.i_auth_seq_id_1 
_ndb_struct_na_base_pair_step.i_PDB_ins_code_1 
_ndb_struct_na_base_pair_step.j_auth_asym_id_1 
_ndb_struct_na_base_pair_step.j_auth_seq_id_1 
_ndb_struct_na_base_pair_step.j_PDB_ins_code_1 
_ndb_struct_na_base_pair_step.i_auth_asym_id_2 
_ndb_struct_na_base_pair_step.i_auth_seq_id_2 
_ndb_struct_na_base_pair_step.i_PDB_ins_code_2 
_ndb_struct_na_base_pair_step.j_auth_asym_id_2 
_ndb_struct_na_base_pair_step.j_auth_seq_id_2 
_ndb_struct_na_base_pair_step.j_PDB_ins_code_2 
1 A C 1 1_555 B G 8 1_555 A C 2 1_555 B G 7 1_555 -0.441 -1.580 3.184 -4.142 7.807  33.410 -3.785 0.147  2.788 13.292 7.053  
34.527 1 AA_C1C2:G15G16_BB A 1 ? B 16 ? A 2 ? B 15 ? 
1 A C 2 1_555 B G 7 1_555 A C 3 1_555 B G 6 1_555 -0.246 -1.801 3.495 -1.584 6.539  32.506 -4.271 0.160  3.092 11.528 2.792  
33.177 2 AA_C2C3:G14G15_BB A 2 ? B 15 ? A 3 ? B 14 ? 
1 A C 3 1_555 B G 6 1_555 A C 4 1_555 B G 5 1_555 0.429  -1.797 3.423 -0.689 7.021  31.708 -4.431 -0.887 2.958 12.655 1.242  
32.463 3 AA_C3C4:G13G14_BB A 3 ? B 14 ? A 4 ? B 13 ? 
1 A C 4 1_555 B G 5 1_555 A G 5 1_555 B C 4 1_555 -0.027 -1.888 3.508 1.931  11.502 28.747 -5.679 0.411  2.573 22.054 -3.703 
30.977 4 AA_C4G5:C12G13_BB A 4 ? B 13 ? A 5 ? B 12 ? 
1 A G 5 1_555 B C 4 1_555 A G 6 1_555 B C 3 1_555 0.212  -1.900 3.388 -1.028 10.950 29.356 -5.453 -0.575 2.526 20.712 1.944  
31.306 5 AA_G5G6:C11C12_BB A 5 ? B 12 ? A 6 ? B 11 ? 
1 A G 6 1_555 B C 3 1_555 A G 7 1_555 B C 2 1_555 0.043  -1.839 3.390 0.933  8.367  32.235 -4.561 0.075  2.837 14.757 -1.645 
33.288 6 AA_G6G7:C10C11_BB A 6 ? B 11 ? A 7 ? B 10 ? 
1 A G 7 1_555 B C 2 1_555 A G 8 1_555 B C 1 1_555 0.095  -1.806 3.296 1.161  7.282  31.489 -4.466 0.024  2.821 13.193 -2.104 
32.320 7 AA_G7G8:C9C10_BB  A 7 ? B 10 ? A 8 ? B 9  ? 
# 
_atom_sites.entry_id                    259D 
_atom_sites.fract_transf_matrix[1][1]   -0.01943593 
_atom_sites.fract_transf_matrix[1][2]   0.00963027 
_atom_sites.fract_transf_matrix[1][3]   0.01661596 
_atom_sites.fract_transf_matrix[2][1]   -0.02007972 
_atom_sites.fract_transf_matrix[2][2]   0.01557174 
_atom_sites.fract_transf_matrix[2][3]   -0.01004622 
_atom_sites.fract_transf_matrix[3][1]   -0.00420052 
_atom_sites.fract_transf_matrix[3][2]   -0.00624963 
_atom_sites.fract_transf_matrix[3][3]   -0.00129126 
_atom_sites.fract_transf_vector[1]      0.728140 
_atom_sites.fract_transf_vector[2]      0.116457 
_atom_sites.fract_transf_vector[3]      0.080854 
# 
loop_
_atom_type.symbol 
C 
N 
O 
P 
# 
loop_
_atom_site.group_PDB 
_atom_site.id 
_atom_site.type_symbol 
_atom_site.label_atom_id 
_atom_site.label_alt_id 
_atom_site.label_comp_id 
_atom_site.label_asym_id 
_atom_site.label_entity_id 
_atom_site.label_seq_id 
_atom_site.pdbx_PDB_ins_code 
_atom_site.Cartn_x 
_atom_site.Cartn_y 
_atom_site.Cartn_z 
_atom_site.occupancy 
_atom_site.B_iso_or_equiv 
_atom_site.pdbx_formal_charge 
_atom_site.auth_seq_id 
_atom_site.auth_comp_id 
_atom_site.auth_asym_id 
_atom_site.auth_atom_id 
_atom_site.pdbx_PDB_model_num 
ATOM   1   O "O5'" . C   A 1 1 ? 7.974   -0.702  8.604   1.00 27.18 ? 1   C   A "O5'" 1 
ATOM   2   C "C5'" . C   A 1 1 ? 7.831   -1.046  9.993   1.00 24.54 ? 1   C   A "C5'" 1 
ATOM   3   C "C4'" . C   A 1 1 ? 7.112   0.039   10.779  1.00 23.28 ? 1   C   A "C4'" 1 
ATOM   4   O "O4'" . C   A 1 1 ? 7.710   1.309   10.453  1.00 22.63 ? 1   C   A "O4'" 1 
ATOM   5   C "C3'" . C   A 1 1 ? 5.709   0.203   10.259  1.00 23.01 ? 1   C   A "C3'" 1 
ATOM   6   O "O3'" . C   A 1 1 ? 4.844   -0.769  10.833  1.00 23.44 ? 1   C   A "O3'" 1 
ATOM   7   C "C2'" . C   A 1 1 ? 5.377   1.615   10.647  1.00 21.47 ? 1   C   A "C2'" 1 
ATOM   8   O "O2'" . C   A 1 1 ? 5.128   1.715   12.032  1.00 22.47 ? 1   C   A "O2'" 1 
ATOM   9   C "C1'" . C   A 1 1 ? 6.662   2.276   10.327  1.00 20.46 ? 1   C   A "C1'" 1 
ATOM   10  N N1    . C   A 1 1 ? 6.696   2.942   9.021   1.00 18.82 ? 1   C   A N1    1 
ATOM   11  C C2    . C   A 1 1 ? 6.106   4.204   8.931   1.00 17.81 ? 1   C   A C2    1 
ATOM   12  O O2    . C   A 1 1 ? 5.504   4.726   9.867   1.00 18.18 ? 1   C   A O2    1 
ATOM   13  N N3    . C   A 1 1 ? 6.168   4.860   7.754   1.00 17.38 ? 1   C   A N3    1 
ATOM   14  C C4    . C   A 1 1 ? 6.787   4.360   6.697   1.00 16.15 ? 1   C   A C4    1 
ATOM   15  N N4    . C   A 1 1 ? 6.799   5.075   5.587   1.00 18.30 ? 1   C   A N4    1 
ATOM   16  C C5    . C   A 1 1 ? 7.440   3.092   6.759   1.00 17.45 ? 1   C   A C5    1 
ATOM   17  C C6    . C   A 1 1 ? 7.356   2.429   7.938   1.00 18.22 ? 1   C   A C6    1 
ATOM   18  P P     . C   A 1 2 ? 3.432   -1.137  10.156  1.00 22.85 ? 2   C   A P     1 
ATOM   19  O OP1   . C   A 1 2 ? 2.874   -2.330  10.844  1.00 25.38 ? 2   C   A OP1   1 
ATOM   20  O OP2   . C   A 1 2 ? 3.658   -1.172  8.697   1.00 22.57 ? 2   C   A OP2   1 
ATOM   21  O "O5'" . C   A 1 2 ? 2.459   0.090   10.452  1.00 22.59 ? 2   C   A "O5'" 1 
ATOM   22  C "C5'" . C   A 1 2 ? 1.876   0.381   11.715  1.00 21.14 ? 2   C   A "C5'" 1 
ATOM   23  C "C4'" . C   A 1 2 ? 1.173   1.745   11.725  1.00 20.24 ? 2   C   A "C4'" 1 
ATOM   24  O "O4'" . C   A 1 2 ? 2.023   2.804   11.285  1.00 20.81 ? 2   C   A "O4'" 1 
ATOM   25  C "C3'" . C   A 1 2 ? 0.046   1.798   10.699  1.00 19.97 ? 2   C   A "C3'" 1 
ATOM   26  O "O3'" . C   A 1 2 ? -1.138  1.079   11.103  1.00 20.41 ? 2   C   A "O3'" 1 
ATOM   27  C "C2'" . C   A 1 2 ? -0.181  3.279   10.527  1.00 18.67 ? 2   C   A "C2'" 1 
ATOM   28  O "O2'" . C   A 1 2 ? -0.841  3.815   11.675  1.00 19.16 ? 2   C   A "O2'" 1 
ATOM   29  C "C1'" . C   A 1 2 ? 1.270   3.682   10.425  1.00 18.02 ? 2   C   A "C1'" 1 
ATOM   30  N N1    . C   A 1 2 ? 1.899   3.701   9.074   1.00 15.96 ? 2   C   A N1    1 
ATOM   31  C C2    . C   A 1 2 ? 1.642   4.819   8.309   1.00 14.77 ? 2   C   A C2    1 
ATOM   32  O O2    . C   A 1 2 ? 0.885   5.691   8.717   1.00 16.65 ? 2   C   A O2    1 
ATOM   33  N N3    . C   A 1 2 ? 2.244   4.904   7.084   1.00 15.63 ? 2   C   A N3    1 
ATOM   34  C C4    . C   A 1 2 ? 3.048   3.949   6.617   1.00 14.33 ? 2   C   A C4    1 
ATOM   35  N N4    . C   A 1 2 ? 3.591   4.105   5.408   1.00 16.14 ? 2   C   A N4    1 
ATOM   36  C C5    . C   A 1 2 ? 3.311   2.769   7.389   1.00 15.04 ? 2   C   A C5    1 
ATOM   37  C C6    . C   A 1 2 ? 2.710   2.688   8.594   1.00 14.19 ? 2   C   A C6    1 
ATOM   38  P P     . C   A 1 3 ? -2.099  0.429   9.998   1.00 20.51 ? 3   C   A P     1 
ATOM   39  O OP1   . C   A 1 3 ? -3.115  -0.371  10.721  1.00 22.54 ? 3   C   A OP1   1 
ATOM   40  O OP2   . C   A 1 3 ? -1.262  -0.233  8.973   1.00 21.02 ? 3   C   A OP2   1 
ATOM   41  O "O5'" . C   A 1 3 ? -2.784  1.700   9.339   1.00 17.87 ? 3   C   A "O5'" 1 
ATOM   42  C "C5'" . C   A 1 3 ? -3.737  2.439   10.053  1.00 16.94 ? 3   C   A "C5'" 1 
ATOM   43  C "C4'" . C   A 1 3 ? -4.175  3.616   9.242   1.00 16.89 ? 3   C   A "C4'" 1 
ATOM   44  O "O4'" . C   A 1 3 ? -3.066  4.441   8.858   1.00 16.97 ? 3   C   A "O4'" 1 
ATOM   45  C "C3'" . C   A 1 3 ? -4.762  3.199   7.901   1.00 17.35 ? 3   C   A "C3'" 1 
ATOM   46  O "O3'" . C   A 1 3 ? -6.091  2.731   8.025   1.00 19.91 ? 3   C   A "O3'" 1 
ATOM   47  C "C2'" . C   A 1 3 ? -4.678  4.466   7.094   1.00 15.63 ? 3   C   A "C2'" 1 
ATOM   48  O "O2'" . C   A 1 3 ? -5.587  5.462   7.544   1.00 17.25 ? 3   C   A "O2'" 1 
ATOM   49  C "C1'" . C   A 1 3 ? -3.281  4.902   7.485   1.00 15.44 ? 3   C   A "C1'" 1 
ATOM   50  N N1    . C   A 1 3 ? -2.212  4.380   6.564   1.00 14.96 ? 3   C   A N1    1 
ATOM   51  C C2    . C   A 1 3 ? -2.007  5.084   5.361   1.00 12.91 ? 3   C   A C2    1 
ATOM   52  O O2    . C   A 1 3 ? -2.713  6.020   5.005   1.00 12.94 ? 3   C   A O2    1 
ATOM   53  N N3    . C   A 1 3 ? -1.012  4.659   4.557   1.00 13.17 ? 3   C   A N3    1 
ATOM   54  C C4    . C   A 1 3 ? -0.269  3.573   4.857   1.00 13.38 ? 3   C   A C4    1 
ATOM   55  N N4    . C   A 1 3 ? 0.695   3.215   4.019   1.00 12.58 ? 3   C   A N4    1 
ATOM   56  C C5    . C   A 1 3 ? -0.475  2.811   6.065   1.00 13.35 ? 3   C   A C5    1 
ATOM   57  C C6    . C   A 1 3 ? -1.456  3.235   6.871   1.00 13.06 ? 3   C   A C6    1 
ATOM   58  P P     . C   A 1 4 ? -6.650  1.560   7.026   1.00 21.73 ? 4   C   A P     1 
ATOM   59  O OP1   . C   A 1 4 ? -8.014  1.235   7.521   1.00 25.04 ? 4   C   A OP1   1 
ATOM   60  O OP2   . C   A 1 4 ? -5.653  0.474   6.882   1.00 20.44 ? 4   C   A OP2   1 
ATOM   61  O "O5'" . C   A 1 4 ? -6.791  2.287   5.556   1.00 19.95 ? 4   C   A "O5'" 1 
ATOM   62  C "C5'" . C   A 1 4 ? -7.712  3.337   5.358   1.00 19.48 ? 4   C   A "C5'" 1 
ATOM   63  C "C4'" . C   A 1 4 ? -7.495  4.056   4.040   1.00 19.80 ? 4   C   A "C4'" 1 
ATOM   64  O "O4'" . C   A 1 4 ? -6.173  4.598   3.988   1.00 19.44 ? 4   C   A "O4'" 1 
ATOM   65  C "C3'" . C   A 1 4 ? -7.528  3.136   2.860   1.00 20.21 ? 4   C   A "C3'" 1 
ATOM   66  O "O3'" . C   A 1 4 ? -8.860  2.807   2.550   1.00 22.14 ? 4   C   A "O3'" 1 
ATOM   67  C "C2'" . C   A 1 4 ? -6.843  3.992   1.808   1.00 19.96 ? 4   C   A "C2'" 1 
ATOM   68  O "O2'" . C   A 1 4 ? -7.590  5.144   1.403   1.00 20.57 ? 4   C   A "O2'" 1 
ATOM   69  C "C1'" . C   A 1 4 ? -5.682  4.508   2.641   1.00 18.63 ? 4   C   A "C1'" 1 
ATOM   70  N N1    . C   A 1 4 ? -4.502  3.640   2.514   1.00 16.90 ? 4   C   A N1    1 
ATOM   71  C C2    . C   A 1 4 ? -3.768  3.808   1.383   1.00 14.94 ? 4   C   A C2    1 
ATOM   72  O O2    . C   A 1 4 ? -4.104  4.635   0.543   1.00 17.94 ? 4   C   A O2    1 
ATOM   73  N N3    . C   A 1 4 ? -2.682  3.049   1.236   1.00 15.58 ? 4   C   A N3    1 
ATOM   74  C C4    . C   A 1 4 ? -2.304  2.152   2.134   1.00 14.80 ? 4   C   A C4    1 
ATOM   75  N N4    . C   A 1 4 ? -1.204  1.422   1.929   1.00 16.33 ? 4   C   A N4    1 
ATOM   76  C C5    . C   A 1 4 ? -3.066  1.967   3.330   1.00 15.89 ? 4   C   A C5    1 
ATOM   77  C C6    . C   A 1 4 ? -4.146  2.738   3.465   1.00 15.14 ? 4   C   A C6    1 
ATOM   78  P P     . G   A 1 5 ? -9.173  1.440   1.768   1.00 25.01 ? 5   G   A P     1 
ATOM   79  O OP1   . G   A 1 5 ? -10.667 1.319   1.758   1.00 29.04 ? 5   G   A OP1   1 
ATOM   80  O OP2   . G   A 1 5 ? -8.357  0.320   2.309   1.00 26.44 ? 5   G   A OP2   1 
ATOM   81  O "O5'" . G   A 1 5 ? -8.669  1.743   0.288   1.00 24.08 ? 5   G   A "O5'" 1 
ATOM   82  C "C5'" . G   A 1 5 ? -9.324  2.702   -0.549  1.00 22.22 ? 5   G   A "C5'" 1 
ATOM   83  C "C4'" . G   A 1 5 ? -8.623  2.801   -1.890  1.00 22.04 ? 5   G   A "C4'" 1 
ATOM   84  O "O4'" . G   A 1 5 ? -7.300  3.241   -1.687  1.00 21.82 ? 5   G   A "O4'" 1 
ATOM   85  C "C3'" . G   A 1 5 ? -8.407  1.475   -2.665  1.00 22.20 ? 5   G   A "C3'" 1 
ATOM   86  O "O3'" . G   A 1 5 ? -9.575  0.919   -3.310  1.00 23.86 ? 5   G   A "O3'" 1 
ATOM   87  C "C2'" . G   A 1 5 ? -7.366  1.908   -3.667  1.00 20.66 ? 5   G   A "C2'" 1 
ATOM   88  O "O2'" . G   A 1 5 ? -7.964  2.714   -4.708  1.00 20.91 ? 5   G   A "O2'" 1 
ATOM   89  C "C1'" . G   A 1 5 ? -6.445  2.720   -2.701  1.00 20.63 ? 5   G   A "C1'" 1 
ATOM   90  N N9    . G   A 1 5 ? -5.426  1.892   -2.016  1.00 18.16 ? 5   G   A N9    1 
ATOM   91  C C8    . G   A 1 5 ? -5.424  1.398   -0.749  1.00 17.48 ? 5   G   A C8    1 
ATOM   92  N N7    . G   A 1 5 ? -4.393  0.675   -0.465  1.00 19.37 ? 5   G   A N7    1 
ATOM   93  C C5    . G   A 1 5 ? -3.622  0.719   -1.619  1.00 17.53 ? 5   G   A C5    1 
ATOM   94  C C6    . G   A 1 5 ? -2.352  0.110   -1.911  1.00 16.73 ? 5   G   A C6    1 
ATOM   95  O O6    . G   A 1 5 ? -1.637  -0.602  -1.198  1.00 16.87 ? 5   G   A O6    1 
ATOM   96  N N1    . G   A 1 5 ? -1.968  0.391   -3.214  1.00 17.77 ? 5   G   A N1    1 
ATOM   97  C C2    . G   A 1 5 ? -2.679  1.134   -4.141  1.00 16.88 ? 5   G   A C2    1 
ATOM   98  N N2    . G   A 1 5 ? -2.166  1.280   -5.350  1.00 19.34 ? 5   G   A N2    1 
ATOM   99  N N3    . G   A 1 5 ? -3.834  1.716   -3.864  1.00 18.37 ? 5   G   A N3    1 
ATOM   100 C C4    . G   A 1 5 ? -4.259  1.449   -2.587  1.00 17.97 ? 5   G   A C4    1 
ATOM   101 P P     . G   A 1 6 ? -9.780  -0.666  -3.513  1.00 25.29 ? 6   G   A P     1 
ATOM   102 O OP1   . G   A 1 6 ? -11.169 -0.807  -4.003  1.00 26.74 ? 6   G   A OP1   1 
ATOM   103 O OP2   . G   A 1 6 ? -9.406  -1.390  -2.303  1.00 24.20 ? 6   G   A OP2   1 
ATOM   104 O "O5'" . G   A 1 6 ? -8.781  -1.192  -4.608  1.00 23.07 ? 6   G   A "O5'" 1 
ATOM   105 C "C5'" . G   A 1 6 ? -8.823  -0.714  -5.935  1.00 22.88 ? 6   G   A "C5'" 1 
ATOM   106 C "C4'" . G   A 1 6 ? -7.546  -1.042  -6.680  1.00 21.49 ? 6   G   A "C4'" 1 
ATOM   107 O "O4'" . G   A 1 6 ? -6.424  -0.499  -5.956  1.00 20.63 ? 6   G   A "O4'" 1 
ATOM   108 C "C3'" . G   A 1 6 ? -7.151  -2.515  -6.804  1.00 20.01 ? 6   G   A "C3'" 1 
ATOM   109 O "O3'" . G   A 1 6 ? -7.966  -3.222  -7.730  1.00 18.68 ? 6   G   A "O3'" 1 
ATOM   110 C "C2'" . G   A 1 6 ? -5.685  -2.326  -7.275  1.00 18.65 ? 6   G   A "C2'" 1 
ATOM   111 O "O2'" . G   A 1 6 ? -5.616  -1.878  -8.625  1.00 19.38 ? 6   G   A "O2'" 1 
ATOM   112 C "C1'" . G   A 1 6 ? -5.225  -1.154  -6.363  1.00 18.11 ? 6   G   A "C1'" 1 
ATOM   113 N N9    . G   A 1 6 ? -4.622  -1.681  -5.131  1.00 17.33 ? 6   G   A N9    1 
ATOM   114 C C8    . G   A 1 6 ? -5.128  -1.707  -3.874  1.00 16.31 ? 6   G   A C8    1 
ATOM   115 N N7    . G   A 1 6 ? -4.360  -2.289  -2.997  1.00 18.04 ? 6   G   A N7    1 
ATOM   116 C C5    . G   A 1 6 ? -3.256  -2.689  -3.750  1.00 17.59 ? 6   G   A C5    1 
ATOM   117 C C6    . G   A 1 6 ? -2.076  -3.396  -3.366  1.00 19.03 ? 6   G   A C6    1 
ATOM   118 O O6    . G   A 1 6 ? -1.781  -3.835  -2.253  1.00 19.93 ? 6   G   A O6    1 
ATOM   119 N N1    . G   A 1 6 ? -1.217  -3.598  -4.450  1.00 17.14 ? 6   G   A N1    1 
ATOM   120 C C2    . G   A 1 6 ? -1.455  -3.202  -5.731  1.00 16.21 ? 6   G   A C2    1 
ATOM   121 N N2    . G   A 1 6 ? -0.548  -3.493  -6.647  1.00 18.41 ? 6   G   A N2    1 
ATOM   122 N N3    . G   A 1 6 ? -2.549  -2.539  -6.091  1.00 17.21 ? 6   G   A N3    1 
ATOM   123 C C4    . G   A 1 6 ? -3.399  -2.315  -5.055  1.00 16.74 ? 6   G   A C4    1 
ATOM   124 P P     . G   A 1 7 ? -8.198  -4.816  -7.549  1.00 19.73 ? 7   G   A P     1 
ATOM   125 O OP1   . G   A 1 7 ? -9.227  -5.188  -8.563  1.00 19.44 ? 7   G   A OP1   1 
ATOM   126 O OP2   . G   A 1 7 ? -8.433  -5.132  -6.129  1.00 19.67 ? 7   G   A OP2   1 
ATOM   127 O "O5'" . G   A 1 7 ? -6.784  -5.545  -7.932  1.00 18.16 ? 7   G   A "O5'" 1 
ATOM   128 C "C5'" . G   A 1 7 ? -6.309  -5.596  -9.265  1.00 17.05 ? 7   G   A "C5'" 1 
ATOM   129 C "C4'" . G   A 1 7 ? -4.889  -6.086  -9.350  1.00 17.93 ? 7   G   A "C4'" 1 
ATOM   130 O "O4'" . G   A 1 7 ? -4.045  -5.323  -8.512  1.00 18.17 ? 7   G   A "O4'" 1 
ATOM   131 C "C3'" . G   A 1 7 ? -4.699  -7.455  -8.787  1.00 18.67 ? 7   G   A "C3'" 1 
ATOM   132 O "O3'" . G   A 1 7 ? -5.231  -8.427  -9.666  1.00 20.63 ? 7   G   A "O3'" 1 
ATOM   133 C "C2'" . G   A 1 7 ? -3.213  -7.511  -8.688  1.00 17.01 ? 7   G   A "C2'" 1 
ATOM   134 O "O2'" . G   A 1 7 ? -2.659  -7.599  -9.984  1.00 18.63 ? 7   G   A "O2'" 1 
ATOM   135 C "C1'" . G   A 1 7 ? -2.968  -6.140  -8.091  1.00 16.86 ? 7   G   A "C1'" 1 
ATOM   136 N N9    . G   A 1 7 ? -3.028  -6.214  -6.646  1.00 16.00 ? 7   G   A N9    1 
ATOM   137 C C8    . G   A 1 7 ? -4.011  -5.816  -5.765  1.00 15.89 ? 7   G   A C8    1 
ATOM   138 N N7    . G   A 1 7 ? -3.771  -6.080  -4.512  1.00 15.40 ? 7   G   A N7    1 
ATOM   139 C C5    . G   A 1 7 ? -2.523  -6.699  -4.551  1.00 16.79 ? 7   G   A C5    1 
ATOM   140 C C6    . G   A 1 7 ? -1.710  -7.185  -3.483  1.00 16.92 ? 7   G   A C6    1 
ATOM   141 O O6    . G   A 1 7 ? -1.930  -7.198  -2.273  1.00 18.98 ? 7   G   A O6    1 
ATOM   142 N N1    . G   A 1 7 ? -0.533  -7.729  -3.974  1.00 17.05 ? 7   G   A N1    1 
ATOM   143 C C2    . G   A 1 7 ? -0.180  -7.813  -5.313  1.00 18.51 ? 7   G   A C2    1 
ATOM   144 N N2    . G   A 1 7 ? 0.988   -8.375  -5.623  1.00 17.90 ? 7   G   A N2    1 
ATOM   145 N N3    . G   A 1 7 ? -0.934  -7.357  -6.315  1.00 17.06 ? 7   G   A N3    1 
ATOM   146 C C4    . G   A 1 7 ? -2.076  -6.806  -5.855  1.00 16.47 ? 7   G   A C4    1 
ATOM   147 P P     . G   A 1 8 ? -5.636  -9.937  -9.145  1.00 23.33 ? 8   G   A P     1 
ATOM   148 O OP1   . G   A 1 8 ? -6.258  -10.569 -10.337 1.00 24.78 ? 8   G   A OP1   1 
ATOM   149 O OP2   . G   A 1 8 ? -6.406  -9.839  -7.872  1.00 22.95 ? 8   G   A OP2   1 
ATOM   150 O "O5'" . G   A 1 8 ? -4.268  -10.674 -8.811  1.00 22.59 ? 8   G   A "O5'" 1 
ATOM   151 C "C5'" . G   A 1 8 ? -3.325  -11.067 -9.805  1.00 25.26 ? 8   G   A "C5'" 1 
ATOM   152 C "C4'" . G   A 1 8 ? -2.060  -11.550 -9.118  1.00 26.07 ? 8   G   A "C4'" 1 
ATOM   153 O "O4'" . G   A 1 8 ? -1.525  -10.610 -8.196  1.00 26.14 ? 8   G   A "O4'" 1 
ATOM   154 C "C3'" . G   A 1 8 ? -2.305  -12.781 -8.244  1.00 27.53 ? 8   G   A "C3'" 1 
ATOM   155 O "O3'" . G   A 1 8 ? -2.530  -13.952 -9.059  1.00 30.87 ? 8   G   A "O3'" 1 
ATOM   156 C "C2'" . G   A 1 8 ? -1.045  -12.790 -7.381  1.00 26.28 ? 8   G   A "C2'" 1 
ATOM   157 O "O2'" . G   A 1 8 ? 0.153   -13.158 -8.076  1.00 27.88 ? 8   G   A "O2'" 1 
ATOM   158 C "C1'" . G   A 1 8 ? -0.953  -11.308 -7.084  1.00 25.35 ? 8   G   A "C1'" 1 
ATOM   159 N N9    . G   A 1 8 ? -1.655  -10.953 -5.853  1.00 23.78 ? 8   G   A N9    1 
ATOM   160 C C8    . G   A 1 8 ? -2.863  -10.349 -5.682  1.00 21.98 ? 8   G   A C8    1 
ATOM   161 N N7    . G   A 1 8 ? -3.192  -10.166 -4.440  1.00 22.95 ? 8   G   A N7    1 
ATOM   162 C C5    . G   A 1 8 ? -2.104  -10.664 -3.730  1.00 22.42 ? 8   G   A C5    1 
ATOM   163 C C6    . G   A 1 8 ? -1.876  -10.748 -2.348  1.00 21.65 ? 8   G   A C6    1 
ATOM   164 O O6    . G   A 1 8 ? -2.563  -10.384 -1.419  1.00 23.72 ? 8   G   A O6    1 
ATOM   165 N N1    . G   A 1 8 ? -0.699  -11.339 -2.046  1.00 23.48 ? 8   G   A N1    1 
ATOM   166 C C2    . G   A 1 8 ? 0.198   -11.815 -2.950  1.00 24.23 ? 8   G   A C2    1 
ATOM   167 N N2    . G   A 1 8 ? 1.315   -12.356 -2.450  1.00 26.06 ? 8   G   A N2    1 
ATOM   168 N N3    . G   A 1 8 ? 0.008   -11.751 -4.273  1.00 24.99 ? 8   G   A N3    1 
ATOM   169 C C4    . G   A 1 8 ? -1.171  -11.164 -4.587  1.00 23.68 ? 8   G   A C4    1 
ATOM   170 O "O5'" . C   B 1 1 ? 2.605   -10.132 5.616   1.00 39.54 ? 9   C   B "O5'" 1 
ATOM   171 C "C5'" . C   B 1 1 ? 3.730   -11.001 5.839   1.00 36.86 ? 9   C   B "C5'" 1 
ATOM   172 C "C4'" . C   B 1 1 ? 4.139   -11.808 4.601   1.00 35.31 ? 9   C   B "C4'" 1 
ATOM   173 O "O4'" . C   B 1 1 ? 3.071   -12.649 4.147   1.00 34.08 ? 9   C   B "O4'" 1 
ATOM   174 C "C3'" . C   B 1 1 ? 4.445   -10.903 3.414   1.00 33.78 ? 9   C   B "C3'" 1 
ATOM   175 O "O3'" . C   B 1 1 ? 5.753   -10.344 3.509   1.00 33.69 ? 9   C   B "O3'" 1 
ATOM   176 C "C2'" . C   B 1 1 ? 4.279   -11.866 2.274   1.00 32.22 ? 9   C   B "C2'" 1 
ATOM   177 O "O2'" . C   B 1 1 ? 5.373   -12.768 2.315   1.00 32.80 ? 9   C   B "O2'" 1 
ATOM   178 C "C1'" . C   B 1 1 ? 2.995   -12.590 2.698   1.00 31.64 ? 9   C   B "C1'" 1 
ATOM   179 N N1    . C   B 1 1 ? 1.728   -11.897 2.307   1.00 28.07 ? 9   C   B N1    1 
ATOM   180 C C2    . C   B 1 1 ? 1.254   -12.043 1.017   1.00 25.03 ? 9   C   B C2    1 
ATOM   181 O O2    . C   B 1 1 ? 1.839   -12.735 0.186   1.00 24.72 ? 9   C   B O2    1 
ATOM   182 N N3    . C   B 1 1 ? 0.096   -11.386 0.699   1.00 24.02 ? 9   C   B N3    1 
ATOM   183 C C4    . C   B 1 1 ? -0.581  -10.658 1.600   1.00 22.49 ? 9   C   B C4    1 
ATOM   184 N N4    . C   B 1 1 ? -1.720  -10.051 1.267   1.00 23.18 ? 9   C   B N4    1 
ATOM   185 C C5    . C   B 1 1 ? -0.098  -10.494 2.926   1.00 24.39 ? 9   C   B C5    1 
ATOM   186 C C6    . C   B 1 1 ? 1.044   -11.136 3.229   1.00 25.20 ? 9   C   B C6    1 
ATOM   187 P P     . C   B 1 2 ? 6.169   -8.855  2.934   1.00 34.40 ? 10  C   B P     1 
ATOM   188 O OP1   . C   B 1 2 ? 7.580   -8.633  3.323   1.00 35.44 ? 10  C   B OP1   1 
ATOM   189 O OP2   . C   B 1 2 ? 5.163   -7.822  3.278   1.00 33.87 ? 10  C   B OP2   1 
ATOM   190 O "O5'" . C   B 1 2 ? 6.087   -9.081  1.371   1.00 31.27 ? 10  C   B "O5'" 1 
ATOM   191 C "C5'" . C   B 1 2 ? 7.046   -9.888  0.735   1.00 28.01 ? 10  C   B "C5'" 1 
ATOM   192 C "C4'" . C   B 1 2 ? 6.590   -10.041 -0.671  1.00 29.12 ? 10  C   B "C4'" 1 
ATOM   193 O "O4'" . C   B 1 2 ? 5.236   -10.554 -0.671  1.00 29.34 ? 10  C   B "O4'" 1 
ATOM   194 C "C3'" . C   B 1 2 ? 6.434   -8.696  -1.367  1.00 28.32 ? 10  C   B "C3'" 1 
ATOM   195 O "O3'" . C   B 1 2 ? 7.665   -8.131  -1.758  1.00 29.68 ? 10  C   B "O3'" 1 
ATOM   196 C "C2'" . C   B 1 2 ? 5.604   -9.095  -2.529  1.00 27.32 ? 10  C   B "C2'" 1 
ATOM   197 O "O2'" . C   B 1 2 ? 6.348   -9.849  -3.511  1.00 27.80 ? 10  C   B "O2'" 1 
ATOM   198 C "C1'" . C   B 1 2 ? 4.572   -10.003 -1.820  1.00 26.44 ? 10  C   B "C1'" 1 
ATOM   199 N N1    . C   B 1 2 ? 3.319   -9.339  -1.391  1.00 23.26 ? 10  C   B N1    1 
ATOM   200 C C2    . C   B 1 2 ? 2.332   -9.128  -2.340  1.00 21.19 ? 10  C   B C2    1 
ATOM   201 O O2    . C   B 1 2 ? 2.462   -9.409  -3.528  1.00 21.78 ? 10  C   B O2    1 
ATOM   202 N N3    . C   B 1 2 ? 1.178   -8.586  -1.938  1.00 20.69 ? 10  C   B N3    1 
ATOM   203 C C4    . C   B 1 2 ? 1.002   -8.222  -0.679  1.00 20.65 ? 10  C   B C4    1 
ATOM   204 N N4    . C   B 1 2 ? -0.156  -7.671  -0.328  1.00 22.02 ? 10  C   B N4    1 
ATOM   205 C C5    . C   B 1 2 ? 2.002   -8.425  0.321   1.00 22.19 ? 10  C   B C5    1 
ATOM   206 C C6    . C   B 1 2 ? 3.138   -9.004  -0.087  1.00 22.07 ? 10  C   B C6    1 
ATOM   207 P P     . C   B 1 3 ? 7.810   -6.541  -1.802  1.00 30.46 ? 11  C   B P     1 
ATOM   208 O OP1   . C   B 1 3 ? 9.264   -6.278  -1.957  1.00 33.18 ? 11  C   B OP1   1 
ATOM   209 O OP2   . C   B 1 3 ? 7.064   -5.895  -0.679  1.00 31.30 ? 11  C   B OP2   1 
ATOM   210 O "O5'" . C   B 1 3 ? 7.069   -6.163  -3.189  1.00 27.27 ? 11  C   B "O5'" 1 
ATOM   211 C "C5'" . C   B 1 3 ? 7.542   -6.581  -4.456  1.00 24.16 ? 11  C   B "C5'" 1 
ATOM   212 C "C4'" . C   B 1 3 ? 6.570   -6.207  -5.547  1.00 23.77 ? 11  C   B "C4'" 1 
ATOM   213 O "O4'" . C   B 1 3 ? 5.328   -6.843  -5.268  1.00 23.51 ? 11  C   B "O4'" 1 
ATOM   214 C "C3'" . C   B 1 3 ? 6.189   -4.714  -5.552  1.00 23.32 ? 11  C   B "C3'" 1 
ATOM   215 O "O3'" . C   B 1 3 ? 7.133   -3.954  -6.273  1.00 23.19 ? 11  C   B "O3'" 1 
ATOM   216 C "C2'" . C   B 1 3 ? 4.850   -4.704  -6.255  1.00 22.53 ? 11  C   B "C2'" 1 
ATOM   217 O "O2'" . C   B 1 3 ? 5.016   -4.936  -7.643  1.00 22.83 ? 11  C   B "O2'" 1 
ATOM   218 C "C1'" . C   B 1 3 ? 4.233   -5.990  -5.645  1.00 22.61 ? 11  C   B "C1'" 1 
ATOM   219 N N1    . C   B 1 3 ? 3.359   -5.688  -4.495  1.00 20.91 ? 11  C   B N1    1 
ATOM   220 C C2    . C   B 1 3 ? 2.075   -5.256  -4.782  1.00 19.28 ? 11  C   B C2    1 
ATOM   221 O O2    . C   B 1 3 ? 1.663   -5.151  -5.937  1.00 19.13 ? 11  C   B O2    1 
ATOM   222 N N3    . C   B 1 3 ? 1.273   -4.960  -3.736  1.00 18.43 ? 11  C   B N3    1 
ATOM   223 C C4    . C   B 1 3 ? 1.693   -5.080  -2.478  1.00 19.21 ? 11  C   B C4    1 
ATOM   224 N N4    . C   B 1 3 ? 0.877   -4.760  -1.483  1.00 17.81 ? 11  C   B N4    1 
ATOM   225 C C5    . C   B 1 3 ? 3.024   -5.509  -2.178  1.00 19.85 ? 11  C   B C5    1 
ATOM   226 C C6    . C   B 1 3 ? 3.807   -5.795  -3.221  1.00 19.86 ? 11  C   B C6    1 
ATOM   227 P P     . C   B 1 4 ? 7.341   -2.445  -5.862  1.00 23.06 ? 12  C   B P     1 
ATOM   228 O OP1   . C   B 1 4 ? 8.562   -2.012  -6.600  1.00 25.21 ? 12  C   B OP1   1 
ATOM   229 O OP2   . C   B 1 4 ? 7.290   -2.320  -4.388  1.00 24.22 ? 12  C   B OP2   1 
ATOM   230 O "O5'" . C   B 1 4 ? 6.071   -1.634  -6.457  1.00 21.22 ? 12  C   B "O5'" 1 
ATOM   231 C "C5'" . C   B 1 4 ? 5.953   -1.388  -7.863  1.00 20.00 ? 12  C   B "C5'" 1 
ATOM   232 C "C4'" . C   B 1 4 ? 4.609   -0.820  -8.223  1.00 20.04 ? 12  C   B "C4'" 1 
ATOM   233 O "O4'" . C   B 1 4 ? 3.514   -1.615  -7.731  1.00 20.26 ? 12  C   B "O4'" 1 
ATOM   234 C "C3'" . C   B 1 4 ? 4.381   0.469   -7.490  1.00 20.79 ? 12  C   B "C3'" 1 
ATOM   235 O "O3'" . C   B 1 4 ? 5.208   1.460   -8.031  1.00 22.89 ? 12  C   B "O3'" 1 
ATOM   236 C "C2'" . C   B 1 4 ? 2.894   0.708   -7.592  1.00 20.17 ? 12  C   B "C2'" 1 
ATOM   237 O "O2'" . C   B 1 4 ? 2.469   1.038   -8.929  1.00 19.71 ? 12  C   B "O2'" 1 
ATOM   238 C "C1'" . C   B 1 4 ? 2.478   -0.728  -7.252  1.00 20.66 ? 12  C   B "C1'" 1 
ATOM   239 N N1    . C   B 1 4 ? 2.165   -0.956  -5.818  1.00 20.10 ? 12  C   B N1    1 
ATOM   240 C C2    . C   B 1 4 ? 0.895   -0.607  -5.394  1.00 19.39 ? 12  C   B C2    1 
ATOM   241 O O2    . C   B 1 4 ? 0.051   -0.112  -6.148  1.00 20.49 ? 12  C   B O2    1 
ATOM   242 N N3    . C   B 1 4 ? 0.603   -0.824  -4.090  1.00 19.57 ? 12  C   B N3    1 
ATOM   243 C C4    . C   B 1 4 ? 1.499   -1.347  -3.246  1.00 18.03 ? 12  C   B C4    1 
ATOM   244 N N4    . C   B 1 4 ? 1.153   -1.534  -1.989  1.00 18.70 ? 12  C   B N4    1 
ATOM   245 C C5    . C   B 1 4 ? 2.816   -1.685  -3.649  1.00 18.20 ? 12  C   B C5    1 
ATOM   246 C C6    . C   B 1 4 ? 3.098   -1.478  -4.942  1.00 18.83 ? 12  C   B C6    1 
ATOM   247 P P     . G   B 1 5 ? 5.599   2.799   -7.229  1.00 24.10 ? 13  G   B P     1 
ATOM   248 O OP1   . G   B 1 5 ? 6.647   3.423   -8.068  1.00 27.81 ? 13  G   B OP1   1 
ATOM   249 O OP2   . G   B 1 5 ? 5.878   2.543   -5.791  1.00 22.83 ? 13  G   B OP2   1 
ATOM   250 O "O5'" . G   B 1 5 ? 4.230   3.530   -7.424  1.00 23.52 ? 13  G   B "O5'" 1 
ATOM   251 C "C5'" . G   B 1 5 ? 3.709   4.484   -6.603  1.00 21.70 ? 13  G   B "C5'" 1 
ATOM   252 C "C4'" . G   B 1 5 ? 2.324   4.852   -7.073  1.00 20.02 ? 13  G   B "C4'" 1 
ATOM   253 O "O4'" . G   B 1 5 ? 1.330   3.804   -6.972  1.00 20.33 ? 13  G   B "O4'" 1 
ATOM   254 C "C3'" . G   B 1 5 ? 1.951   5.892   -6.041  1.00 18.04 ? 13  G   B "C3'" 1 
ATOM   255 O "O3'" . G   B 1 5 ? 2.293   7.182   -6.559  1.00 15.84 ? 13  G   B "O3'" 1 
ATOM   256 C "C2'" . G   B 1 5 ? 0.490   5.674   -5.821  1.00 17.25 ? 13  G   B "C2'" 1 
ATOM   257 O "O2'" . G   B 1 5 ? -0.246  6.266   -6.854  1.00 17.63 ? 13  G   B "O2'" 1 
ATOM   258 C "C1'" . G   B 1 5 ? 0.404   4.140   -5.942  1.00 18.99 ? 13  G   B "C1'" 1 
ATOM   259 N N9    . G   B 1 5 ? 0.724   3.447   -4.662  1.00 18.48 ? 13  G   B N9    1 
ATOM   260 C C8    . G   B 1 5 ? 1.808   2.690   -4.282  1.00 18.64 ? 13  G   B C8    1 
ATOM   261 N N7    . G   B 1 5 ? 1.771   2.234   -3.063  1.00 19.40 ? 13  G   B N7    1 
ATOM   262 C C5    . G   B 1 5 ? 0.565   2.744   -2.594  1.00 18.83 ? 13  G   B C5    1 
ATOM   263 C C6    . G   B 1 5 ? -0.044  2.605   -1.308  1.00 19.30 ? 13  G   B C6    1 
ATOM   264 O O6    . G   B 1 5 ? 0.405   1.983   -0.347  1.00 19.30 ? 13  G   B O6    1 
ATOM   265 N N1    . G   B 1 5 ? -1.275  3.277   -1.235  1.00 18.70 ? 13  G   B N1    1 
ATOM   266 C C2    . G   B 1 5 ? -1.855  4.014   -2.255  1.00 18.90 ? 13  G   B C2    1 
ATOM   267 N N2    . G   B 1 5 ? -3.041  4.602   -2.071  1.00 17.72 ? 13  G   B N2    1 
ATOM   268 N N3    . G   B 1 5 ? -1.252  4.139   -3.456  1.00 19.87 ? 13  G   B N3    1 
ATOM   269 C C4    . G   B 1 5 ? -0.076  3.477   -3.551  1.00 18.54 ? 13  G   B C4    1 
ATOM   270 P P     . G   B 1 6 ? 2.991   8.199   -5.595  1.00 15.94 ? 14  G   B P     1 
ATOM   271 O OP1   . G   B 1 6 ? 3.402   9.400   -6.377  1.00 16.23 ? 14  G   B OP1   1 
ATOM   272 O OP2   . G   B 1 6 ? 3.978   7.481   -4.778  1.00 15.81 ? 14  G   B OP2   1 
ATOM   273 O "O5'" . G   B 1 6 ? 1.805   8.656   -4.604  1.00 14.61 ? 14  G   B "O5'" 1 
ATOM   274 C "C5'" . G   B 1 6 ? 0.816   9.567   -5.041  1.00 14.14 ? 14  G   B "C5'" 1 
ATOM   275 C "C4'" . G   B 1 6 ? -0.318  9.690   -4.057  1.00 13.27 ? 14  G   B "C4'" 1 
ATOM   276 O "O4'" . G   B 1 6 ? -0.922  8.405   -3.814  1.00 14.07 ? 14  G   B "O4'" 1 
ATOM   277 C "C3'" . G   B 1 6 ? 0.133   10.119  -2.667  1.00 13.70 ? 14  G   B "C3'" 1 
ATOM   278 O "O3'" . G   B 1 6 ? 0.308   11.525  -2.691  1.00 15.13 ? 14  G   B "O3'" 1 
ATOM   279 C "C2'" . G   B 1 6 ? -1.064  9.698   -1.841  1.00 11.51 ? 14  G   B "C2'" 1 
ATOM   280 O "O2'" . G   B 1 6 ? -2.165  10.506  -2.158  1.00 13.31 ? 14  G   B "O2'" 1 
ATOM   281 C "C1'" . G   B 1 6 ? -1.323  8.344   -2.441  1.00 13.62 ? 14  G   B "C1'" 1 
ATOM   282 N N9    . G   B 1 6 ? -0.497  7.366   -1.717  1.00 12.77 ? 14  G   B N9    1 
ATOM   283 C C8    . G   B 1 6 ? 0.658   6.760   -2.090  1.00 12.00 ? 14  G   B C8    1 
ATOM   284 N N7    . G   B 1 6 ? 1.145   5.997   -1.169  1.00 13.86 ? 14  G   B N7    1 
ATOM   285 C C5    . G   B 1 6 ? 0.240   6.090   -0.114  1.00 12.92 ? 14  G   B C5    1 
ATOM   286 C C6    . G   B 1 6 ? 0.226   5.477   1.160   1.00 12.66 ? 14  G   B C6    1 
ATOM   287 O O6    . G   B 1 6 ? 1.029   4.689   1.652   1.00 13.91 ? 14  G   B O6    1 
ATOM   288 N N1    . G   B 1 6 ? -0.854  5.857   1.914   1.00 12.63 ? 14  G   B N1    1 
ATOM   289 C C2    . G   B 1 6 ? -1.829  6.745   1.524   1.00 12.71 ? 14  G   B C2    1 
ATOM   290 N N2    . G   B 1 6 ? -2.779  7.011   2.407   1.00 13.85 ? 14  G   B N2    1 
ATOM   291 N N3    . G   B 1 6 ? -1.836  7.328   0.327   1.00 12.10 ? 14  G   B N3    1 
ATOM   292 C C4    . G   B 1 6 ? -0.774  6.948   -0.438  1.00 12.70 ? 14  G   B C4    1 
ATOM   293 P P     . G   B 1 7 ? 1.286   12.210  -1.606  1.00 16.59 ? 15  G   B P     1 
ATOM   294 O OP1   . G   B 1 7 ? 1.384   13.633  -2.010  1.00 18.67 ? 15  G   B OP1   1 
ATOM   295 O OP2   . G   B 1 7 ? 2.516   11.404  -1.466  1.00 17.23 ? 15  G   B OP2   1 
ATOM   296 O "O5'" . G   B 1 7 ? 0.513   12.102  -0.205  1.00 15.49 ? 15  G   B "O5'" 1 
ATOM   297 C "C5'" . G   B 1 7 ? -0.674  12.829  0.094   1.00 14.97 ? 15  G   B "C5'" 1 
ATOM   298 C "C4'" . G   B 1 7 ? -1.317  12.348  1.388   1.00 14.60 ? 15  G   B "C4'" 1 
ATOM   299 O "O4'" . G   B 1 7 ? -1.551  10.936  1.369   1.00 14.45 ? 15  G   B "O4'" 1 
ATOM   300 C "C3'" . G   B 1 7 ? -0.418  12.554  2.601   1.00 15.26 ? 15  G   B "C3'" 1 
ATOM   301 O "O3'" . G   B 1 7 ? -0.384  13.931  3.045   1.00 17.23 ? 15  G   B "O3'" 1 
ATOM   302 C "C2'" . G   B 1 7 ? -1.028  11.625  3.607   1.00 14.55 ? 15  G   B "C2'" 1 
ATOM   303 O "O2'" . G   B 1 7 ? -2.243  12.182  4.052   1.00 15.23 ? 15  G   B "O2'" 1 
ATOM   304 C "C1'" . G   B 1 7 ? -1.301  10.432  2.682   1.00 13.69 ? 15  G   B "C1'" 1 
ATOM   305 N N9    . G   B 1 7 ? -0.133  9.557   2.675   1.00 14.26 ? 15  G   B N9    1 
ATOM   306 C C8    . G   B 1 7 ? 0.821   9.367   1.705   1.00 14.54 ? 15  G   B C8    1 
ATOM   307 N N7    . G   B 1 7 ? 1.720   8.488   2.009   1.00 14.82 ? 15  G   B N7    1 
ATOM   308 C C5    . G   B 1 7 ? 1.368   8.082   3.292   1.00 14.54 ? 15  G   B C5    1 
ATOM   309 C C6    . G   B 1 7 ? 1.983   7.127   4.160   1.00 15.05 ? 15  G   B C6    1 
ATOM   310 O O6    . G   B 1 7 ? 2.988   6.448   3.943   1.00 15.88 ? 15  G   B O6    1 
ATOM   311 N N1    . G   B 1 7 ? 1.290   7.009   5.378   1.00 13.80 ? 15  G   B N1    1 
ATOM   312 C C2    . G   B 1 7 ? 0.148   7.703   5.719   1.00 14.29 ? 15  G   B C2    1 
ATOM   313 N N2    . G   B 1 7 ? -0.404  7.506   6.911   1.00 15.21 ? 15  G   B N2    1 
ATOM   314 N N3    . G   B 1 7 ? -0.441  8.561   4.889   1.00 15.68 ? 15  G   B N3    1 
ATOM   315 C C4    . G   B 1 7 ? 0.226   8.719   3.705   1.00 14.91 ? 15  G   B C4    1 
ATOM   316 P P     . G   B 1 8 ? 0.944   14.538  3.761   1.00 18.64 ? 16  G   B P     1 
ATOM   317 O OP1   . G   B 1 8 ? 0.701   15.960  4.046   1.00 20.61 ? 16  G   B OP1   1 
ATOM   318 O OP2   . G   B 1 8 ? 2.173   14.171  3.005   1.00 19.89 ? 16  G   B OP2   1 
ATOM   319 O "O5'" . G   B 1 8 ? 1.005   13.826  5.140   1.00 16.47 ? 16  G   B "O5'" 1 
ATOM   320 C "C5'" . G   B 1 8 ? 0.068   14.108  6.162   1.00 17.32 ? 16  G   B "C5'" 1 
ATOM   321 C "C4'" . G   B 1 8 ? 0.273   13.254  7.381   1.00 16.49 ? 16  G   B "C4'" 1 
ATOM   322 O "O4'" . G   B 1 8 ? 0.243   11.861  7.031   1.00 15.47 ? 16  G   B "O4'" 1 
ATOM   323 C "C3'" . G   B 1 8 ? 1.628   13.491  8.006   1.00 16.57 ? 16  G   B "C3'" 1 
ATOM   324 O "O3'" . G   B 1 8 ? 1.597   14.632  8.854   1.00 18.91 ? 16  G   B "O3'" 1 
ATOM   325 C "C2'" . G   B 1 8 ? 1.796   12.248  8.821   1.00 16.67 ? 16  G   B "C2'" 1 
ATOM   326 O "O2'" . G   B 1 8 ? 0.980   12.191  10.021  1.00 18.14 ? 16  G   B "O2'" 1 
ATOM   327 C "C1'" . G   B 1 8 ? 1.229   11.208  7.839   1.00 16.24 ? 16  G   B "C1'" 1 
ATOM   328 N N9    . G   B 1 8 ? 2.251   10.502  7.016   1.00 15.53 ? 16  G   B N9    1 
ATOM   329 C C8    . G   B 1 8 ? 2.669   10.803  5.753   1.00 14.83 ? 16  G   B C8    1 
ATOM   330 N N7    . G   B 1 8 ? 3.582   10.004  5.323   1.00 15.98 ? 16  G   B N7    1 
ATOM   331 C C5    . G   B 1 8 ? 3.777   9.083   6.339   1.00 15.09 ? 16  G   B C5    1 
ATOM   332 C C6    . G   B 1 8 ? 4.641   7.954   6.391   1.00 15.53 ? 16  G   B C6    1 
ATOM   333 O O6    . G   B 1 8 ? 5.439   7.564   5.537   1.00 17.56 ? 16  G   B O6    1 
ATOM   334 N N1    . G   B 1 8 ? 4.548   7.285   7.585   1.00 15.07 ? 16  G   B N1    1 
ATOM   335 C C2    . G   B 1 8 ? 3.724   7.634   8.630   1.00 14.95 ? 16  G   B C2    1 
ATOM   336 N N2    . G   B 1 8 ? 3.765   6.878   9.725   1.00 15.56 ? 16  G   B N2    1 
ATOM   337 N N3    . G   B 1 8 ? 2.889   8.684   8.586   1.00 15.62 ? 16  G   B N3    1 
ATOM   338 C C4    . G   B 1 8 ? 2.972   9.368   7.402   1.00 15.07 ? 16  G   B C4    1 
HETATM 339 O O     . HOH C 2 . ? 2.064   0.814   4.626   0.71 26.59 ? 27  HOH A O     1 
HETATM 340 O O     . HOH C 2 . ? 0.992   -0.272  7.452   0.73 18.22 ? 28  HOH A O     1 
HETATM 341 O O     . HOH C 2 . ? -8.054  5.377   9.069   0.74 26.59 ? 29  HOH A O     1 
HETATM 342 O O     . HOH C 2 . ? -0.717  -0.449  3.955   0.87 31.55 ? 31  HOH A O     1 
HETATM 343 O O     . HOH C 2 . ? -2.868  -0.219  6.289   1.00 21.74 ? 32  HOH A O     1 
HETATM 344 O O     . HOH C 2 . ? -2.548  -1.930  -8.843  0.79 31.21 ? 33  HOH A O     1 
HETATM 345 O O     . HOH C 2 . ? -3.461  -8.361  -12.500 1.00 30.68 ? 34  HOH A O     1 
HETATM 346 O O     . HOH C 2 . ? -9.251  -5.388  -11.438 0.33 23.76 ? 35  HOH A O     1 
HETATM 347 O O     . HOH C 2 . ? 4.767   4.573   12.650  1.00 31.06 ? 37  HOH A O     1 
HETATM 348 O O     . HOH C 2 . ? -3.219  2.098   -7.942  0.90 34.42 ? 41  HOH A O     1 
HETATM 349 O O     . HOH C 2 . ? -5.292  3.015   -5.908  0.80 37.65 ? 42  HOH A O     1 
HETATM 350 O O     . HOH C 2 . ? -5.545  -5.877  -2.679  0.96 35.97 ? 44  HOH A O     1 
HETATM 351 O O     . HOH C 2 . ? -5.391  7.875   5.577   1.00 42.76 ? 47  HOH A O     1 
HETATM 352 O O     . HOH C 2 . ? -12.653 1.541   -3.346  1.00 38.38 ? 55  HOH A O     1 
HETATM 353 O O     . HOH C 2 . ? -3.266  -6.062  -0.393  0.52 30.22 ? 56  HOH A O     1 
HETATM 354 O O     . HOH C 2 . ? -7.357  -2.570  -10.816 0.33 17.89 ? 57  HOH A O     1 
HETATM 355 O O     . HOH C 2 . ? -11.430 -6.681  -8.049  0.74 31.03 ? 58  HOH A O     1 
HETATM 356 O O     . HOH C 2 . ? -10.869 -7.786  -11.934 0.33 39.95 ? 59  HOH A O     1 
HETATM 357 O O     . HOH C 2 . ? -6.652  -12.170 -6.457  0.91 36.29 ? 60  HOH A O     1 
HETATM 358 O O     . HOH C 2 . ? 3.425   7.308   16.090  0.17 35.85 ? 61  HOH A O     1 
HETATM 359 O O     . HOH C 2 . ? 0.104   5.379   13.998  0.34 34.70 ? 65  HOH A O     1 
HETATM 360 O O     . HOH C 2 . ? 6.313   0.661   14.677  1.00 28.18 ? 66  HOH A O     1 
HETATM 361 O O     . HOH C 2 . ? -1.898  -2.214  0.852   1.00 37.47 ? 67  HOH A O     1 
HETATM 362 O O     . HOH C 2 . ? -4.000  -0.778  1.738   1.00 35.06 ? 68  HOH A O     1 
HETATM 363 O O     . HOH C 2 . ? -5.381  0.389   -10.194 0.33 42.83 ? 69  HOH A O     1 
HETATM 364 O O     . HOH C 2 . ? -8.050  -4.404  -3.441  0.62 40.85 ? 70  HOH A O     1 
HETATM 365 O O     . HOH C 2 . ? 2.591   -4.112  7.230   0.39 35.22 ? 74  HOH A O     1 
HETATM 366 O O     . HOH C 2 . ? -5.313  -5.636  13.387  0.33 42.34 ? 75  HOH A O     1 
HETATM 367 O O     . HOH C 2 . ? -15.063 -5.995  1.169   0.55 42.16 ? 76  HOH A O     1 
HETATM 368 O O     . HOH C 2 . ? -8.827  -7.135  -3.556  0.44 35.72 ? 77  HOH A O     1 
HETATM 369 O O     . HOH C 2 . ? -4.200  -8.521  -0.802  0.76 36.73 ? 78  HOH A O     1 
HETATM 370 O O     . HOH C 2 . ? 5.062   1.850   4.476   0.89 29.51 ? 88  HOH A O     1 
HETATM 371 O O     . HOH C 2 . ? 1.868   -9.408  -7.986  0.88 38.43 ? 90  HOH A O     1 
HETATM 372 O O     . HOH C 2 . ? -13.248 -1.186  -2.716  0.60 33.05 ? 91  HOH A O     1 
HETATM 373 O O     . HOH C 2 . ? 7.839   1.688   3.945   0.57 37.94 ? 93  HOH A O     1 
HETATM 374 O O     . HOH C 2 . ? -3.656  -3.170  13.897  0.33 49.28 ? 94  HOH A O     1 
HETATM 375 O O     . HOH C 2 . ? -1.966  -14.172 -12.454 0.74 45.28 ? 95  HOH A O     1 
HETATM 376 O O     . HOH C 2 . ? -1.951  -0.634  14.420  0.33 42.27 ? 96  HOH A O     1 
HETATM 377 O O     . HOH C 2 . ? 0.953   -12.125 -11.979 0.63 38.38 ? 98  HOH A O     1 
HETATM 378 O O     . HOH C 2 . ? 3.938   -13.873 -3.804  0.52 33.64 ? 101 HOH A O     1 
HETATM 379 O O     . HOH C 2 . ? -10.387 5.701   5.946   0.48 26.48 ? 102 HOH A O     1 
HETATM 380 O O     . HOH C 2 . ? -7.617  -1.339  0.250   1.00 39.02 ? 104 HOH A O     1 
HETATM 381 O O     . HOH C 2 . ? -5.938  -0.312  3.932   0.68 30.59 ? 106 HOH A O     1 
HETATM 382 O O     . HOH C 2 . ? -5.212  -2.718  -0.638  0.95 43.38 ? 108 HOH A O     1 
HETATM 383 O O     . HOH C 2 . ? -7.011  -8.322  -5.779  0.75 40.06 ? 112 HOH A O     1 
HETATM 384 O O     . HOH C 2 . ? -7.902  12.092  0.635   0.54 38.47 ? 114 HOH A O     1 
HETATM 385 O O     . HOH C 2 . ? -7.546  8.131   2.180   0.76 43.66 ? 117 HOH A O     1 
HETATM 386 O O     . HOH C 2 . ? 1.942   -12.189 -5.898  0.61 41.19 ? 118 HOH A O     1 
HETATM 387 O O     . HOH C 2 . ? 8.705   4.415   3.245   0.55 30.58 ? 120 HOH A O     1 
HETATM 388 O O     . HOH C 2 . ? -0.001  -2.752  12.026  0.57 35.81 ? 121 HOH A O     1 
HETATM 389 O O     . HOH C 2 . ? -13.053 1.845   -0.458  0.58 35.42 ? 123 HOH A O     1 
HETATM 390 O O     . HOH C 2 . ? -11.622 0.876   4.781   0.85 44.16 ? 124 HOH A O     1 
HETATM 391 O O     . HOH C 2 . ? -8.851  -8.900  -10.121 0.60 34.07 ? 126 HOH A O     1 
HETATM 392 O O     . HOH C 2 . ? 5.115   -0.358  6.887   0.50 27.50 ? 127 HOH A O     1 
HETATM 393 O O     . HOH C 2 . ? -5.712  -8.769  -3.250  0.81 35.72 ? 128 HOH A O     1 
HETATM 394 O O     . HOH D 2 . ? -0.687  16.408  8.206   1.00 29.15 ? 17  HOH B O     1 
HETATM 395 O O     . HOH D 2 . ? 5.316   11.469  3.794   1.00 42.36 ? 18  HOH B O     1 
HETATM 396 O O     . HOH D 2 . ? 3.549   11.925  1.360   0.83 31.40 ? 19  HOH B O     1 
HETATM 397 O O     . HOH D 2 . ? 2.195   9.789   11.254  0.66 24.30 ? 20  HOH B O     1 
HETATM 398 O O     . HOH D 2 . ? -3.600  14.614  3.601   0.50 30.11 ? 21  HOH B O     1 
HETATM 399 O O     . HOH D 2 . ? -2.608  13.055  -3.652  0.94 23.48 ? 22  HOH B O     1 
HETATM 400 O O     . HOH D 2 . ? 1.866   11.156  -8.016  0.33 20.79 ? 23  HOH B O     1 
HETATM 401 O O     . HOH D 2 . ? 4.905   5.725   -2.998  0.89 43.17 ? 24  HOH B O     1 
HETATM 402 O O     . HOH D 2 . ? 3.775   4.618   -1.029  0.88 37.74 ? 25  HOH B O     1 
HETATM 403 O O     . HOH D 2 . ? 0.207   8.692   -8.517  0.33 19.19 ? 26  HOH B O     1 
HETATM 404 O O     . HOH D 2 . ? 5.692   -3.264  -2.053  0.90 35.03 ? 30  HOH B O     1 
HETATM 405 O O     . HOH D 2 . ? 6.398   10.334  -6.130  1.00 42.59 ? 36  HOH B O     1 
HETATM 406 O O     . HOH D 2 . ? 5.967   0.724   -3.486  0.79 27.51 ? 38  HOH B O     1 
HETATM 407 O O     . HOH D 2 . ? 3.758   -1.984  -0.331  1.00 41.45 ? 39  HOH B O     1 
HETATM 408 O O     . HOH D 2 . ? -1.916  5.543   -9.170  0.33 37.70 ? 40  HOH B O     1 
HETATM 409 O O     . HOH D 2 . ? 4.988   -5.871  1.049   1.00 32.12 ? 43  HOH B O     1 
HETATM 410 O O     . HOH D 2 . ? 4.399   12.075  -3.786  0.88 38.98 ? 45  HOH B O     1 
HETATM 411 O O     . HOH D 2 . ? 1.746   6.895   11.867  0.80 44.53 ? 46  HOH B O     1 
HETATM 412 O O     . HOH D 2 . ? 2.446   1.725   1.141   0.64 34.31 ? 48  HOH B O     1 
HETATM 413 O O     . HOH D 2 . ? 7.572   1.205   -10.116 1.00 40.78 ? 49  HOH B O     1 
HETATM 414 O O     . HOH D 2 . ? -2.900  5.518   -5.405  1.00 27.89 ? 50  HOH B O     1 
HETATM 415 O O     . HOH D 2 . ? 8.146   -4.342  -8.961  0.87 37.32 ? 51  HOH B O     1 
HETATM 416 O O     . HOH D 2 . ? 2.318   -4.618  1.359   0.93 41.38 ? 52  HOH B O     1 
HETATM 417 O O     . HOH D 2 . ? 8.533   -12.042 4.248   0.48 30.09 ? 53  HOH B O     1 
HETATM 418 O O     . HOH D 2 . ? 2.481   -7.454  3.821   0.77 40.28 ? 54  HOH B O     1 
HETATM 419 O O     . HOH D 2 . ? 5.821   8.025   2.958   0.91 37.34 ? 62  HOH B O     1 
HETATM 420 O O     . HOH D 2 . ? 3.909   9.066   -1.840  0.84 37.27 ? 63  HOH B O     1 
HETATM 421 O O     . HOH D 2 . ? 4.122   7.721   0.367   1.00 35.42 ? 64  HOH B O     1 
HETATM 422 O O     . HOH D 2 . ? 0.368   -8.788  6.663   0.88 37.24 ? 71  HOH B O     1 
HETATM 423 O O     . HOH D 2 . ? 10.970  -9.566  0.797   0.61 37.78 ? 72  HOH B O     1 
HETATM 424 O O     . HOH D 2 . ? 8.396   -0.060  -1.875  0.49 36.44 ? 73  HOH B O     1 
HETATM 425 O O     . HOH D 2 . ? 2.587   17.723  2.269   0.56 34.71 ? 79  HOH B O     1 
HETATM 426 O O     . HOH D 2 . ? 10.812  -4.024  -4.775  0.70 38.46 ? 80  HOH B O     1 
HETATM 427 O O     . HOH D 2 . ? 5.640   16.317  3.299   0.50 36.06 ? 81  HOH B O     1 
HETATM 428 O O     . HOH D 2 . ? 4.558   -16.208 3.119   0.68 40.61 ? 82  HOH B O     1 
HETATM 429 O O     . HOH D 2 . ? 7.266   -15.709 0.836   0.65 34.27 ? 83  HOH B O     1 
HETATM 430 O O     . HOH D 2 . ? 8.772   -19.135 -2.423  0.17 36.12 ? 84  HOH B O     1 
HETATM 431 O O     . HOH D 2 . ? 7.443   -10.376 7.185   0.46 29.63 ? 85  HOH B O     1 
HETATM 432 O O     . HOH D 2 . ? -3.828  -5.510  2.739   0.30 33.49 ? 86  HOH B O     1 
HETATM 433 O O     . HOH D 2 . ? 7.229   -1.931  0.491   0.53 34.02 ? 87  HOH B O     1 
HETATM 434 O O     . HOH D 2 . ? 4.698   15.323  -7.153  0.33 46.84 ? 89  HOH B O     1 
HETATM 435 O O     . HOH D 2 . ? 13.651  -7.545  0.264   0.41 33.29 ? 92  HOH B O     1 
HETATM 436 O O     . HOH D 2 . ? 9.575   -6.662  2.204   0.66 34.56 ? 97  HOH B O     1 
HETATM 437 O O     . HOH D 2 . ? 3.640   1.043   -1.668  0.91 37.62 ? 99  HOH B O     1 
HETATM 438 O O     . HOH D 2 . ? -1.609  17.691  5.577   0.69 37.82 ? 100 HOH B O     1 
HETATM 439 O O     . HOH D 2 . ? -3.695  -8.725  2.793   0.58 33.78 ? 103 HOH B O     1 
HETATM 440 O O     . HOH D 2 . ? 9.424   3.606   -7.777  0.80 35.13 ? 105 HOH B O     1 
HETATM 441 O O     . HOH D 2 . ? 8.160   -8.665  -7.190  0.67 37.96 ? 107 HOH B O     1 
HETATM 442 O O     . HOH D 2 . ? -0.022  -6.473  2.313   0.84 37.02 ? 109 HOH B O     1 
HETATM 443 O O     . HOH D 2 . ? 4.392   -10.004 -5.849  0.58 29.59 ? 110 HOH B O     1 
HETATM 444 O O     . HOH D 2 . ? 4.504   -14.297 -0.091  0.89 45.77 ? 111 HOH B O     1 
HETATM 445 O O     . HOH D 2 . ? 7.243   13.737  3.086   0.51 32.19 ? 113 HOH B O     1 
HETATM 446 O O     . HOH D 2 . ? -5.463  17.025  2.834   0.71 39.64 ? 115 HOH B O     1 
HETATM 447 O O     . HOH D 2 . ? 4.645   4.971   1.945   0.77 41.58 ? 116 HOH B O     1 
HETATM 448 O O     . HOH D 2 . ? -2.133  16.946  0.751   0.57 36.44 ? 119 HOH B O     1 
HETATM 449 O O     . HOH D 2 . ? 9.731   -6.288  -7.500  0.82 41.08 ? 122 HOH B O     1 
HETATM 450 O O     . HOH D 2 . ? 6.098   -18.610 3.756   0.50 42.98 ? 125 HOH B O     1 
HETATM 451 O O     . HOH D 2 . ? 1.675   -3.875  -7.999  0.80 43.36 ? 129 HOH B O     1 
# 
